data_9EIV
#
_entry.id   9EIV
#
_cell.length_a   44.711
_cell.length_b   119.789
_cell.length_c   60.074
_cell.angle_alpha   90.00
_cell.angle_beta   111.48
_cell.angle_gamma   90.00
#
_symmetry.space_group_name_H-M   'P 1 21 1'
#
loop_
_entity.id
_entity.type
_entity.pdbx_description
1 polymer 'Phosphoenolpyruvate carboxykinase, cytosolic [GTP]'
2 non-polymer 'MANGANESE (II) ION'
3 non-polymer '2-PHOSPHOGLYCOLIC ACID'
4 non-polymer "GUANOSINE-5'-DIPHOSPHATE"
5 water water
#
_entity_poly.entity_id   1
_entity_poly.type   'polypeptide(L)'
_entity_poly.pdbx_seq_one_letter_code
;MPPQLHNGLDFSAKVIQGSLDSLPQEVRKFVEGNAQLCQPEYIHICDGSEEEYGRLLAHMQEEGVIRKLKKYDNCWLALT
DPRDVARIESKTVIITQEQRDTVPIPKSGQSQLGRWMSEEDFEKAFNARFPGCMKGRTMYVIPFSMGPLGSPLAKIGIEL
TDSPYVVASMRIMTRMGTSVLEALGDGEFIKCLHSVGCPLPLKKPLVNNWACNPELTLIAHLPDRREIISFGSGYGGNSL
LGKKCFALRIASRLAKEEGWLAEHMLILGITNPEGKKKYLAAAFPSACGKTNLAMMNPTLPGWKVECVGDDIAWMKFDAQ
GNLRAINPENGFFGVAPGTSVKTNPNAIKTIQKNTIFTNVAETSDGGVYWEGIDEPLAPGVTITSWKNKEWRPQDEEPCA
HPNSRFCTPASQCPIIDPAWESPEGVPIEGIIFGGRRPAGVPLVYEALSWQHGVFVGAAMRSEATAAAEHKGKVIMHDPF
AMRPFFGYNFGKYLAHWLSMAHRPAAKLPKIFHVNWFRKDKNGKFLWPGFGENSRVLEWMFGRIEGEDSAKLTPIGYVPK
EDALNLKGLGDVNVEELFGISKEFWEKEVEEIDKYLEDQVNADLPYEIERELRALKQRISQM
;
_entity_poly.pdbx_strand_id   A
#
loop_
_chem_comp.id
_chem_comp.type
_chem_comp.name
_chem_comp.formula
GDP RNA linking GUANOSINE-5'-DIPHOSPHATE 'C10 H15 N5 O11 P2'
MN non-polymer 'MANGANESE (II) ION' 'Mn 2'
PGA non-polymer '2-PHOSPHOGLYCOLIC ACID' 'C2 H5 O6 P'
#
# COMPACT_ATOMS: atom_id res chain seq x y z
N PRO A 3 0.47 3.30 -41.56
CA PRO A 3 0.09 4.19 -42.66
C PRO A 3 -1.13 5.05 -42.31
N GLN A 4 -1.64 5.78 -43.30
CA GLN A 4 -2.83 6.60 -43.12
C GLN A 4 -3.15 7.26 -44.46
N LEU A 5 -4.43 7.64 -44.61
CA LEU A 5 -4.89 8.38 -45.77
C LEU A 5 -4.94 9.88 -45.55
N HIS A 6 -4.81 10.33 -44.30
CA HIS A 6 -4.77 11.76 -44.00
C HIS A 6 -3.67 12.06 -43.00
N ASN A 7 -3.99 12.80 -41.95
CA ASN A 7 -3.02 13.14 -40.92
C ASN A 7 -3.68 13.10 -39.55
N GLY A 8 -4.40 12.01 -39.27
CA GLY A 8 -5.13 11.91 -38.02
C GLY A 8 -4.67 10.78 -37.12
N LEU A 9 -3.59 10.09 -37.50
CA LEU A 9 -3.08 8.97 -36.72
C LEU A 9 -1.63 9.12 -36.29
N ASP A 10 -0.84 9.97 -36.94
CA ASP A 10 0.56 10.18 -36.60
C ASP A 10 0.65 11.39 -35.68
N PHE A 11 0.78 11.13 -34.37
CA PHE A 11 0.85 12.18 -33.37
C PHE A 11 2.25 12.72 -33.19
N SER A 12 3.16 12.51 -34.15
CA SER A 12 4.53 12.98 -33.99
C SER A 12 4.59 14.50 -33.84
N ALA A 13 3.70 15.22 -34.52
CA ALA A 13 3.71 16.68 -34.46
C ALA A 13 3.29 17.22 -33.10
N LYS A 14 2.69 16.40 -32.24
CA LYS A 14 2.25 16.84 -30.92
C LYS A 14 3.20 16.39 -29.81
N VAL A 15 4.29 15.71 -30.15
CA VAL A 15 5.26 15.27 -29.15
C VAL A 15 6.16 16.44 -28.78
N ILE A 16 6.10 16.88 -27.52
CA ILE A 16 6.90 17.99 -27.04
C ILE A 16 8.15 17.56 -26.28
N GLN A 17 8.27 16.27 -25.95
CA GLN A 17 9.54 15.73 -25.45
C GLN A 17 9.63 14.26 -25.82
N GLY A 18 10.77 13.90 -26.40
CA GLY A 18 10.99 12.54 -26.83
C GLY A 18 10.66 12.32 -28.29
N SER A 19 10.50 11.04 -28.65
CA SER A 19 10.20 10.67 -30.02
C SER A 19 9.40 9.38 -30.01
N LEU A 20 8.28 9.37 -30.73
CA LEU A 20 7.53 8.13 -30.90
C LEU A 20 8.35 7.08 -31.62
N ASP A 21 9.34 7.51 -32.41
CA ASP A 21 10.17 6.56 -33.14
C ASP A 21 11.06 5.76 -32.19
N SER A 22 11.57 6.40 -31.14
CA SER A 22 12.48 5.75 -30.20
C SER A 22 11.77 4.77 -29.28
N LEU A 23 10.45 4.70 -29.32
CA LEU A 23 9.72 3.81 -28.43
C LEU A 23 9.66 2.40 -29.02
N PRO A 24 9.67 1.37 -28.17
CA PRO A 24 9.44 0.02 -28.66
C PRO A 24 8.09 -0.07 -29.36
N GLN A 25 8.00 -0.97 -30.34
CA GLN A 25 6.81 -1.05 -31.17
C GLN A 25 5.52 -1.02 -30.35
N GLU A 26 5.37 -1.99 -29.45
CA GLU A 26 4.14 -2.08 -28.68
C GLU A 26 3.93 -0.89 -27.74
N VAL A 27 5.00 -0.20 -27.35
CA VAL A 27 4.81 1.03 -26.58
C VAL A 27 4.22 2.13 -27.45
N ARG A 28 4.71 2.26 -28.69
CA ARG A 28 4.18 3.29 -29.58
C ARG A 28 2.69 3.06 -29.86
N LYS A 29 2.33 1.82 -30.22
CA LYS A 29 0.92 1.51 -30.45
C LYS A 29 0.08 1.90 -29.23
N PHE A 30 0.55 1.54 -28.03
CA PHE A 30 -0.19 1.85 -26.82
C PHE A 30 -0.33 3.35 -26.63
N VAL A 31 0.74 4.10 -26.90
CA VAL A 31 0.69 5.55 -26.74
C VAL A 31 -0.19 6.18 -27.81
N GLU A 32 0.06 5.85 -29.08
CA GLU A 32 -0.69 6.50 -30.16
C GLU A 32 -2.16 6.09 -30.15
N GLY A 33 -2.45 4.82 -29.87
CA GLY A 33 -3.83 4.38 -29.84
C GLY A 33 -4.67 5.16 -28.85
N ASN A 34 -4.15 5.38 -27.65
CA ASN A 34 -4.87 6.14 -26.64
C ASN A 34 -4.81 7.64 -26.90
N ALA A 35 -3.73 8.13 -27.50
CA ALA A 35 -3.70 9.51 -27.98
C ALA A 35 -4.86 9.77 -28.92
N GLN A 36 -5.06 8.87 -29.89
CA GLN A 36 -6.17 9.01 -30.82
C GLN A 36 -7.51 8.91 -30.11
N LEU A 37 -7.58 8.12 -29.03
CA LEU A 37 -8.83 7.99 -28.29
C LEU A 37 -9.08 9.19 -27.37
N CYS A 38 -8.06 9.57 -26.61
CA CYS A 38 -8.19 10.65 -25.62
C CYS A 38 -8.01 12.03 -26.22
N GLN A 39 -7.31 12.15 -27.35
N GLN A 39 -7.30 12.15 -27.34
CA GLN A 39 -7.12 13.41 -28.04
CA GLN A 39 -7.12 13.41 -28.04
C GLN A 39 -6.43 14.44 -27.14
C GLN A 39 -6.42 14.44 -27.15
N PRO A 40 -5.22 14.16 -26.68
CA PRO A 40 -4.47 15.17 -25.92
C PRO A 40 -3.90 16.22 -26.87
N GLU A 41 -3.71 17.43 -26.34
N GLU A 41 -3.70 17.43 -26.35
CA GLU A 41 -3.12 18.49 -27.13
CA GLU A 41 -3.12 18.47 -27.17
C GLU A 41 -1.63 18.27 -27.34
C GLU A 41 -1.62 18.28 -27.35
N TYR A 42 -0.95 17.67 -26.37
CA TYR A 42 0.48 17.41 -26.44
C TYR A 42 0.78 16.03 -25.90
N ILE A 43 1.91 15.48 -26.31
CA ILE A 43 2.42 14.21 -25.81
C ILE A 43 3.83 14.44 -25.27
N HIS A 44 4.05 14.09 -24.01
CA HIS A 44 5.32 14.28 -23.32
C HIS A 44 5.82 12.92 -22.86
N ILE A 45 6.88 12.43 -23.49
CA ILE A 45 7.49 11.16 -23.12
C ILE A 45 8.52 11.44 -22.03
N CYS A 46 8.20 11.06 -20.79
CA CYS A 46 9.07 11.34 -19.66
C CYS A 46 10.40 10.61 -19.79
N ASP A 47 11.49 11.32 -19.49
CA ASP A 47 12.81 10.72 -19.39
C ASP A 47 13.28 10.57 -17.96
N GLY A 48 12.52 11.07 -16.98
CA GLY A 48 12.86 10.90 -15.58
C GLY A 48 14.02 11.73 -15.09
N SER A 49 14.49 12.68 -15.89
CA SER A 49 15.66 13.48 -15.53
C SER A 49 15.30 14.53 -14.48
N GLU A 50 16.33 15.03 -13.80
CA GLU A 50 16.13 16.15 -12.88
C GLU A 50 15.63 17.38 -13.61
N GLU A 51 16.17 17.65 -14.80
CA GLU A 51 15.74 18.79 -15.58
C GLU A 51 14.23 18.74 -15.82
N GLU A 52 13.74 17.61 -16.33
CA GLU A 52 12.31 17.45 -16.57
C GLU A 52 11.52 17.63 -15.28
N TYR A 53 11.99 17.02 -14.19
CA TYR A 53 11.29 17.12 -12.91
C TYR A 53 11.20 18.58 -12.46
N GLY A 54 12.29 19.33 -12.61
CA GLY A 54 12.28 20.72 -12.19
C GLY A 54 11.31 21.57 -12.99
N ARG A 55 11.29 21.40 -14.31
CA ARG A 55 10.34 22.14 -15.14
C ARG A 55 8.91 21.74 -14.82
N LEU A 56 8.67 20.44 -14.64
CA LEU A 56 7.34 19.97 -14.24
C LEU A 56 6.86 20.67 -12.97
N LEU A 57 7.73 20.70 -11.95
CA LEU A 57 7.36 21.37 -10.70
C LEU A 57 7.11 22.86 -10.95
N ALA A 58 7.99 23.51 -11.71
CA ALA A 58 7.77 24.92 -12.02
C ALA A 58 6.46 25.13 -12.75
N HIS A 59 6.16 24.28 -13.73
CA HIS A 59 4.89 24.37 -14.45
C HIS A 59 3.71 24.27 -13.49
N MET A 60 3.72 23.26 -12.62
CA MET A 60 2.64 23.11 -11.66
C MET A 60 2.56 24.30 -10.71
N GLN A 61 3.71 24.86 -10.35
CA GLN A 61 3.72 26.05 -9.51
C GLN A 61 3.14 27.25 -10.24
N GLU A 62 3.36 27.34 -11.56
CA GLU A 62 2.80 28.45 -12.32
C GLU A 62 1.31 28.29 -12.55
N GLU A 63 0.82 27.05 -12.61
CA GLU A 63 -0.59 26.77 -12.78
C GLU A 63 -1.38 26.84 -11.46
N GLY A 64 -0.69 27.03 -10.33
CA GLY A 64 -1.37 26.99 -9.05
C GLY A 64 -1.73 25.60 -8.59
N VAL A 65 -1.11 24.57 -9.17
CA VAL A 65 -1.41 23.20 -8.77
C VAL A 65 -0.69 22.84 -7.48
N ILE A 66 0.55 23.29 -7.31
CA ILE A 66 1.33 23.03 -6.11
C ILE A 66 1.94 24.33 -5.61
N ARG A 67 2.27 24.34 -4.32
CA ARG A 67 2.96 25.45 -3.70
C ARG A 67 4.32 24.98 -3.20
N LYS A 68 5.29 25.89 -3.24
CA LYS A 68 6.61 25.60 -2.71
C LYS A 68 6.61 25.83 -1.20
N LEU A 69 7.09 24.83 -0.46
CA LEU A 69 7.23 24.94 0.99
C LEU A 69 8.62 25.52 1.26
N LYS A 70 8.67 26.85 1.44
CA LYS A 70 9.94 27.55 1.49
C LYS A 70 10.81 27.11 2.66
N LYS A 71 10.22 26.56 3.72
CA LYS A 71 10.99 26.22 4.90
C LYS A 71 11.93 25.03 4.64
N TYR A 72 11.60 24.19 3.68
CA TYR A 72 12.32 22.94 3.46
C TYR A 72 13.04 22.97 2.11
N ASP A 73 13.77 21.89 1.84
CA ASP A 73 14.62 21.77 0.66
C ASP A 73 13.86 21.00 -0.43
N ASN A 74 13.34 21.74 -1.41
CA ASN A 74 12.66 21.14 -2.55
C ASN A 74 11.46 20.30 -2.13
N CYS A 75 10.61 20.89 -1.28
CA CYS A 75 9.38 20.26 -0.85
C CYS A 75 8.20 21.07 -1.38
N TRP A 76 7.09 20.39 -1.64
CA TRP A 76 5.96 20.99 -2.31
C TRP A 76 4.66 20.52 -1.68
N LEU A 77 3.64 21.37 -1.75
CA LEU A 77 2.33 21.09 -1.17
C LEU A 77 1.28 21.13 -2.27
N ALA A 78 0.48 20.08 -2.35
CA ALA A 78 -0.68 20.02 -3.23
C ALA A 78 -1.94 19.97 -2.38
N LEU A 79 -2.96 20.70 -2.82
CA LEU A 79 -4.26 20.70 -2.16
C LEU A 79 -5.29 20.19 -3.15
N THR A 80 -5.96 19.09 -2.81
CA THR A 80 -6.87 18.43 -3.74
C THR A 80 -8.29 18.94 -3.57
N ASP A 81 -9.12 18.61 -4.55
CA ASP A 81 -10.56 18.78 -4.39
C ASP A 81 -11.01 17.95 -3.21
N PRO A 82 -11.82 18.49 -2.29
CA PRO A 82 -12.25 17.71 -1.13
C PRO A 82 -13.01 16.45 -1.49
N ARG A 83 -13.54 16.35 -2.72
CA ARG A 83 -14.23 15.16 -3.16
C ARG A 83 -13.29 14.05 -3.59
N ASP A 84 -12.03 14.38 -3.90
CA ASP A 84 -11.05 13.42 -4.39
C ASP A 84 -9.88 13.38 -3.41
N VAL A 85 -10.11 12.78 -2.24
CA VAL A 85 -9.15 12.84 -1.15
C VAL A 85 -8.72 11.45 -0.69
N ALA A 86 -9.04 10.41 -1.44
CA ALA A 86 -8.70 9.06 -0.98
C ALA A 86 -8.92 8.04 -2.09
N ARG A 87 -8.34 6.86 -1.88
CA ARG A 87 -8.58 5.73 -2.75
C ARG A 87 -9.99 5.19 -2.52
N ILE A 88 -10.76 5.09 -3.60
CA ILE A 88 -12.18 4.72 -3.52
C ILE A 88 -12.30 3.23 -3.80
N GLU A 89 -12.71 2.46 -2.79
CA GLU A 89 -12.84 1.01 -2.95
C GLU A 89 -14.10 0.63 -3.70
N SER A 90 -15.18 1.39 -3.54
CA SER A 90 -16.44 1.05 -4.19
C SER A 90 -16.42 1.30 -5.69
N LYS A 91 -15.47 2.09 -6.18
CA LYS A 91 -15.31 2.35 -7.60
C LYS A 91 -14.18 1.54 -8.22
N THR A 92 -13.65 0.55 -7.50
CA THR A 92 -12.53 -0.26 -7.94
C THR A 92 -13.06 -1.62 -8.36
N VAL A 93 -12.80 -2.01 -9.60
CA VAL A 93 -13.36 -3.22 -10.18
C VAL A 93 -12.26 -4.02 -10.87
N ILE A 94 -12.51 -5.32 -11.02
CA ILE A 94 -11.63 -6.22 -11.75
C ILE A 94 -12.47 -6.92 -12.81
N ILE A 95 -11.98 -6.91 -14.05
CA ILE A 95 -12.72 -7.44 -15.20
C ILE A 95 -12.16 -8.80 -15.57
N THR A 96 -13.01 -9.82 -15.49
CA THR A 96 -12.69 -11.15 -15.99
C THR A 96 -13.93 -11.71 -16.65
N GLN A 97 -13.73 -12.58 -17.66
CA GLN A 97 -14.87 -13.20 -18.33
C GLN A 97 -15.75 -13.93 -17.34
N GLU A 98 -15.15 -14.59 -16.36
CA GLU A 98 -15.86 -15.33 -15.32
C GLU A 98 -15.71 -14.62 -14.00
N GLN A 99 -16.83 -14.37 -13.32
CA GLN A 99 -16.77 -13.71 -12.02
C GLN A 99 -16.01 -14.56 -11.00
N ARG A 100 -16.08 -15.88 -11.13
CA ARG A 100 -15.44 -16.75 -10.15
C ARG A 100 -13.91 -16.64 -10.18
N ASP A 101 -13.35 -16.13 -11.28
CA ASP A 101 -11.91 -15.92 -11.32
C ASP A 101 -11.49 -14.77 -10.42
N THR A 102 -12.36 -13.78 -10.24
CA THR A 102 -12.05 -12.59 -9.45
C THR A 102 -12.44 -12.73 -7.98
N VAL A 103 -13.62 -13.27 -7.71
CA VAL A 103 -14.09 -13.43 -6.33
C VAL A 103 -14.79 -14.75 -6.18
N PRO A 104 -14.68 -15.37 -5.01
CA PRO A 104 -15.50 -16.54 -4.71
C PRO A 104 -16.97 -16.18 -4.77
N ILE A 105 -17.78 -17.11 -5.24
CA ILE A 105 -19.22 -16.88 -5.30
C ILE A 105 -19.78 -17.00 -3.89
N PRO A 106 -20.17 -15.88 -3.26
CA PRO A 106 -20.68 -15.94 -1.89
C PRO A 106 -21.86 -16.88 -1.78
N LYS A 107 -22.06 -17.40 -0.57
CA LYS A 107 -23.16 -18.33 -0.34
C LYS A 107 -24.49 -17.60 -0.20
N SER A 108 -24.52 -16.49 0.55
CA SER A 108 -25.75 -15.78 0.84
C SER A 108 -25.76 -14.36 0.30
N GLY A 109 -24.78 -13.53 0.68
CA GLY A 109 -24.81 -12.12 0.39
C GLY A 109 -23.83 -11.69 -0.66
N GLN A 110 -23.46 -10.41 -0.60
CA GLN A 110 -22.55 -9.78 -1.54
C GLN A 110 -21.10 -10.02 -1.12
N SER A 111 -20.22 -10.11 -2.11
CA SER A 111 -18.82 -10.42 -1.84
C SER A 111 -18.08 -9.18 -1.35
N GLN A 112 -17.32 -9.33 -0.27
CA GLN A 112 -16.44 -8.29 0.23
C GLN A 112 -15.00 -8.47 -0.24
N LEU A 113 -14.71 -9.53 -0.98
CA LEU A 113 -13.36 -9.88 -1.35
C LEU A 113 -12.95 -9.29 -2.70
N GLY A 114 -13.79 -8.45 -3.28
CA GLY A 114 -13.50 -7.86 -4.58
C GLY A 114 -14.77 -7.35 -5.23
N ARG A 115 -14.57 -6.56 -6.28
CA ARG A 115 -15.66 -5.97 -7.06
C ARG A 115 -15.48 -6.39 -8.51
N TRP A 116 -16.31 -7.31 -8.97
CA TRP A 116 -16.21 -7.85 -10.32
C TRP A 116 -17.13 -7.09 -11.27
N MET A 117 -16.64 -6.85 -12.49
CA MET A 117 -17.41 -6.25 -13.56
C MET A 117 -17.14 -7.01 -14.85
N SER A 118 -18.19 -7.29 -15.61
CA SER A 118 -18.02 -8.02 -16.85
C SER A 118 -17.35 -7.14 -17.90
N GLU A 119 -16.83 -7.79 -18.94
CA GLU A 119 -16.24 -7.04 -20.05
C GLU A 119 -17.27 -6.14 -20.71
N GLU A 120 -18.47 -6.67 -20.98
CA GLU A 120 -19.50 -5.88 -21.64
C GLU A 120 -19.82 -4.62 -20.86
N ASP A 121 -20.01 -4.74 -19.55
CA ASP A 121 -20.34 -3.57 -18.75
C ASP A 121 -19.18 -2.58 -18.71
N PHE A 122 -17.94 -3.07 -18.65
CA PHE A 122 -16.81 -2.15 -18.61
C PHE A 122 -16.65 -1.40 -19.92
N GLU A 123 -16.88 -2.07 -21.06
CA GLU A 123 -16.77 -1.38 -22.33
C GLU A 123 -17.73 -0.20 -22.39
N LYS A 124 -18.95 -0.38 -21.86
CA LYS A 124 -19.89 0.73 -21.82
C LYS A 124 -19.41 1.84 -20.90
N ALA A 125 -18.89 1.48 -19.71
CA ALA A 125 -18.34 2.47 -18.81
C ALA A 125 -17.11 3.15 -19.40
N PHE A 126 -16.24 2.38 -20.06
CA PHE A 126 -15.04 2.94 -20.65
C PHE A 126 -15.38 3.95 -21.74
N ASN A 127 -16.17 3.51 -22.73
CA ASN A 127 -16.54 4.39 -23.84
C ASN A 127 -17.35 5.60 -23.38
N ALA A 128 -17.89 5.56 -22.16
CA ALA A 128 -18.64 6.67 -21.59
C ALA A 128 -17.74 7.69 -20.89
N ARG A 129 -16.43 7.44 -20.84
CA ARG A 129 -15.51 8.25 -20.06
C ARG A 129 -14.34 8.79 -20.86
N PHE A 130 -13.63 7.93 -21.60
CA PHE A 130 -12.30 8.26 -22.08
C PHE A 130 -12.25 9.00 -23.42
N PRO A 131 -13.18 8.74 -24.37
CA PRO A 131 -13.12 9.47 -25.64
C PRO A 131 -13.03 10.99 -25.46
N GLY A 132 -11.91 11.57 -25.90
CA GLY A 132 -11.70 13.00 -25.80
C GLY A 132 -11.41 13.53 -24.41
N CYS A 133 -11.21 12.65 -23.43
CA CYS A 133 -11.09 13.09 -22.04
C CYS A 133 -9.86 13.95 -21.78
N MET A 134 -8.86 13.90 -22.65
CA MET A 134 -7.63 14.67 -22.46
C MET A 134 -7.57 15.91 -23.34
N LYS A 135 -8.70 16.33 -23.89
CA LYS A 135 -8.72 17.49 -24.78
C LYS A 135 -8.04 18.68 -24.13
N GLY A 136 -7.15 19.33 -24.88
CA GLY A 136 -6.44 20.50 -24.39
C GLY A 136 -5.38 20.24 -23.35
N ARG A 137 -5.15 18.99 -22.98
CA ARG A 137 -4.18 18.63 -21.96
C ARG A 137 -3.00 17.88 -22.56
N THR A 138 -1.93 17.80 -21.79
CA THR A 138 -0.77 17.00 -22.16
C THR A 138 -0.95 15.58 -21.68
N MET A 139 -0.61 14.62 -22.55
CA MET A 139 -0.55 13.22 -22.19
C MET A 139 0.90 12.88 -21.86
N TYR A 140 1.17 12.59 -20.59
CA TYR A 140 2.50 12.20 -20.17
C TYR A 140 2.64 10.69 -20.29
N VAL A 141 3.79 10.24 -20.78
CA VAL A 141 4.09 8.82 -20.95
C VAL A 141 5.15 8.46 -19.93
N ILE A 142 4.73 7.75 -18.88
CA ILE A 142 5.63 7.39 -17.78
C ILE A 142 6.11 5.96 -17.94
N PRO A 143 7.36 5.74 -18.36
CA PRO A 143 7.93 4.39 -18.31
C PRO A 143 8.53 4.13 -16.95
N PHE A 144 8.00 3.15 -16.21
CA PHE A 144 8.45 2.93 -14.84
C PHE A 144 8.68 1.45 -14.60
N SER A 145 9.58 1.16 -13.66
CA SER A 145 9.91 -0.19 -13.25
C SER A 145 9.48 -0.39 -11.80
N MET A 146 8.78 -1.48 -11.54
CA MET A 146 8.46 -1.88 -10.18
C MET A 146 9.54 -2.86 -9.71
N GLY A 147 10.31 -2.45 -8.72
CA GLY A 147 11.46 -3.20 -8.29
C GLY A 147 12.72 -2.73 -8.98
N PRO A 148 13.88 -3.05 -8.43
CA PRO A 148 15.14 -2.59 -9.02
C PRO A 148 15.27 -3.05 -10.47
N LEU A 149 15.82 -2.17 -11.31
CA LEU A 149 16.05 -2.52 -12.70
C LEU A 149 16.85 -3.81 -12.80
N GLY A 150 16.48 -4.66 -13.75
CA GLY A 150 17.13 -5.94 -13.93
C GLY A 150 16.85 -6.96 -12.85
N SER A 151 16.06 -6.63 -11.83
CA SER A 151 15.73 -7.59 -10.80
C SER A 151 14.86 -8.70 -11.38
N PRO A 152 15.10 -9.96 -10.99
CA PRO A 152 14.27 -11.05 -11.54
C PRO A 152 12.79 -10.89 -11.25
N LEU A 153 12.43 -10.28 -10.13
CA LEU A 153 11.05 -10.04 -9.76
C LEU A 153 10.56 -8.66 -10.18
N ALA A 154 11.35 -7.92 -10.95
CA ALA A 154 10.96 -6.60 -11.39
C ALA A 154 10.08 -6.67 -12.62
N LYS A 155 9.08 -5.79 -12.69
CA LYS A 155 8.18 -5.71 -13.83
C LYS A 155 8.00 -4.26 -14.24
N ILE A 156 7.88 -4.04 -15.55
CA ILE A 156 7.89 -2.72 -16.14
C ILE A 156 6.47 -2.35 -16.57
N GLY A 157 6.11 -1.09 -16.35
CA GLY A 157 4.82 -0.59 -16.78
C GLY A 157 4.97 0.73 -17.52
N ILE A 158 3.91 1.08 -18.24
CA ILE A 158 3.79 2.36 -18.91
C ILE A 158 2.48 2.98 -18.46
N GLU A 159 2.55 4.13 -17.79
CA GLU A 159 1.34 4.87 -17.42
C GLU A 159 1.18 6.08 -18.33
N LEU A 160 0.00 6.20 -18.93
CA LEU A 160 -0.39 7.40 -19.64
C LEU A 160 -1.29 8.21 -18.73
N THR A 161 -1.00 9.49 -18.57
CA THR A 161 -1.76 10.33 -17.66
C THR A 161 -1.71 11.77 -18.15
N ASP A 162 -2.75 12.52 -17.82
CA ASP A 162 -2.84 13.95 -18.13
C ASP A 162 -2.61 14.81 -16.89
N SER A 163 -2.02 14.24 -15.84
CA SER A 163 -1.80 14.94 -14.59
C SER A 163 -0.31 15.06 -14.31
N PRO A 164 0.26 16.28 -14.32
CA PRO A 164 1.67 16.42 -13.92
C PRO A 164 1.91 16.08 -12.45
N TYR A 165 0.89 16.17 -11.61
CA TYR A 165 1.02 15.71 -10.23
C TYR A 165 1.32 14.21 -10.18
N VAL A 166 0.69 13.43 -11.07
CA VAL A 166 0.95 12.00 -11.12
C VAL A 166 2.38 11.74 -11.58
N VAL A 167 2.84 12.47 -12.60
CA VAL A 167 4.21 12.28 -13.08
C VAL A 167 5.21 12.51 -11.95
N ALA A 168 5.08 13.65 -11.26
CA ALA A 168 6.01 13.96 -10.18
C ALA A 168 5.96 12.89 -9.10
N SER A 169 4.76 12.45 -8.71
CA SER A 169 4.64 11.45 -7.67
C SER A 169 5.21 10.10 -8.13
N MET A 170 4.98 9.74 -9.39
CA MET A 170 5.50 8.47 -9.89
C MET A 170 7.02 8.49 -9.96
N ARG A 171 7.62 9.66 -10.20
CA ARG A 171 9.08 9.75 -10.20
C ARG A 171 9.64 9.40 -8.81
N ILE A 172 8.88 9.67 -7.76
CA ILE A 172 9.32 9.34 -6.41
C ILE A 172 8.98 7.89 -6.08
N MET A 173 7.76 7.46 -6.43
CA MET A 173 7.27 6.16 -5.98
C MET A 173 7.75 5.00 -6.82
N THR A 174 8.29 5.25 -8.02
CA THR A 174 8.78 4.19 -8.90
C THR A 174 10.15 4.59 -9.43
N ARG A 175 10.78 3.66 -10.15
CA ARG A 175 11.91 3.98 -11.01
C ARG A 175 11.35 4.38 -12.37
N MET A 176 11.57 5.64 -12.76
N MET A 176 11.55 5.64 -12.74
CA MET A 176 10.97 6.20 -13.95
CA MET A 176 10.99 6.21 -13.96
C MET A 176 12.02 6.92 -14.78
C MET A 176 12.09 6.82 -14.80
N GLY A 177 11.91 6.80 -16.11
CA GLY A 177 12.78 7.52 -17.00
C GLY A 177 13.14 6.69 -18.21
N THR A 178 14.11 7.24 -18.97
CA THR A 178 14.53 6.63 -20.23
C THR A 178 15.16 5.27 -20.02
N SER A 179 15.90 5.10 -18.92
CA SER A 179 16.58 3.84 -18.67
C SER A 179 15.61 2.67 -18.56
N VAL A 180 14.33 2.94 -18.29
CA VAL A 180 13.35 1.87 -18.22
C VAL A 180 12.95 1.41 -19.63
N LEU A 181 12.75 2.35 -20.55
CA LEU A 181 12.47 1.98 -21.93
C LEU A 181 13.59 1.14 -22.51
N GLU A 182 14.84 1.53 -22.25
CA GLU A 182 15.98 0.75 -22.74
C GLU A 182 15.98 -0.65 -22.13
N ALA A 183 15.62 -0.75 -20.84
CA ALA A 183 15.57 -2.06 -20.20
C ALA A 183 14.38 -2.88 -20.70
N LEU A 184 13.26 -2.21 -21.00
CA LEU A 184 12.09 -2.93 -21.49
C LEU A 184 12.34 -3.53 -22.87
N GLY A 185 12.94 -2.76 -23.77
CA GLY A 185 13.13 -3.25 -25.13
C GLY A 185 11.79 -3.63 -25.73
N ASP A 186 11.75 -4.79 -26.39
CA ASP A 186 10.51 -5.35 -26.90
C ASP A 186 9.82 -6.27 -25.90
N GLY A 187 10.14 -6.14 -24.62
CA GLY A 187 9.53 -6.99 -23.61
C GLY A 187 8.10 -6.59 -23.31
N GLU A 188 7.45 -7.43 -22.51
CA GLU A 188 6.08 -7.18 -22.09
C GLU A 188 6.05 -6.09 -21.01
N PHE A 189 4.94 -5.35 -20.98
CA PHE A 189 4.77 -4.29 -19.99
C PHE A 189 3.30 -4.20 -19.61
N ILE A 190 3.06 -3.72 -18.40
CA ILE A 190 1.70 -3.48 -17.93
C ILE A 190 1.22 -2.14 -18.48
N LYS A 191 0.06 -2.15 -19.13
CA LYS A 191 -0.51 -0.95 -19.71
C LYS A 191 -1.35 -0.23 -18.64
N CYS A 192 -0.97 1.00 -18.34
CA CYS A 192 -1.66 1.82 -17.34
C CYS A 192 -2.17 3.09 -18.00
N LEU A 193 -3.48 3.26 -18.02
CA LEU A 193 -4.13 4.44 -18.59
C LEU A 193 -4.87 5.19 -17.49
N HIS A 194 -4.57 6.48 -17.36
CA HIS A 194 -5.18 7.31 -16.32
C HIS A 194 -5.56 8.66 -16.90
N SER A 195 -6.72 9.17 -16.47
CA SER A 195 -7.17 10.51 -16.81
C SER A 195 -7.95 11.08 -15.64
N VAL A 196 -7.75 12.36 -15.35
CA VAL A 196 -8.54 13.03 -14.34
C VAL A 196 -9.96 13.30 -14.83
N GLY A 197 -10.22 13.13 -16.12
CA GLY A 197 -11.55 13.26 -16.66
C GLY A 197 -12.08 14.67 -16.78
N CYS A 198 -11.22 15.65 -17.07
CA CYS A 198 -11.62 17.04 -17.18
C CYS A 198 -11.09 17.62 -18.49
N PRO A 199 -11.63 17.18 -19.63
CA PRO A 199 -11.20 17.76 -20.91
C PRO A 199 -11.48 19.25 -20.96
N LEU A 200 -10.57 19.99 -21.61
CA LEU A 200 -10.76 21.42 -21.76
C LEU A 200 -11.49 21.71 -23.08
N PRO A 201 -12.33 22.74 -23.12
CA PRO A 201 -12.65 23.70 -22.05
C PRO A 201 -13.39 23.06 -20.88
N LEU A 202 -13.20 23.57 -19.67
CA LEU A 202 -13.86 22.99 -18.50
C LEU A 202 -15.36 23.30 -18.53
N LYS A 203 -16.15 22.30 -18.11
CA LYS A 203 -17.58 22.47 -17.93
C LYS A 203 -17.99 22.52 -16.47
N LYS A 204 -17.10 22.17 -15.56
CA LYS A 204 -17.34 22.29 -14.12
C LYS A 204 -16.16 23.02 -13.52
N PRO A 205 -16.37 24.14 -12.83
CA PRO A 205 -15.23 24.87 -12.26
C PRO A 205 -14.41 23.99 -11.33
N LEU A 206 -13.09 24.13 -11.41
CA LEU A 206 -12.18 23.32 -10.61
C LEU A 206 -12.06 23.88 -9.19
N VAL A 207 -12.08 22.97 -8.22
CA VAL A 207 -11.90 23.33 -6.81
C VAL A 207 -10.43 23.15 -6.46
N ASN A 208 -9.82 24.20 -5.90
CA ASN A 208 -8.42 24.18 -5.51
C ASN A 208 -7.51 23.80 -6.68
N ASN A 209 -7.91 24.17 -7.89
CA ASN A 209 -7.12 23.85 -9.09
C ASN A 209 -6.81 22.36 -9.19
N TRP A 210 -7.73 21.53 -8.69
CA TRP A 210 -7.54 20.08 -8.65
C TRP A 210 -8.52 19.45 -9.64
N ALA A 211 -7.99 19.04 -10.80
CA ALA A 211 -8.81 18.39 -11.80
C ALA A 211 -9.22 17.00 -11.34
N CYS A 212 -10.51 16.70 -11.40
CA CYS A 212 -11.04 15.40 -11.00
C CYS A 212 -12.49 15.31 -11.46
N ASN A 213 -13.00 14.09 -11.50
CA ASN A 213 -14.37 13.82 -11.92
C ASN A 213 -14.95 12.76 -10.98
N PRO A 214 -15.37 13.17 -9.78
CA PRO A 214 -15.84 12.18 -8.80
C PRO A 214 -17.00 11.33 -9.31
N GLU A 215 -17.97 11.95 -9.99
CA GLU A 215 -19.14 11.20 -10.45
C GLU A 215 -18.76 10.03 -11.33
N LEU A 216 -17.82 10.24 -12.25
CA LEU A 216 -17.43 9.22 -13.22
C LEU A 216 -16.19 8.43 -12.77
N THR A 217 -15.76 8.59 -11.52
CA THR A 217 -14.56 7.90 -11.07
C THR A 217 -14.72 6.40 -11.20
N LEU A 218 -13.68 5.75 -11.73
CA LEU A 218 -13.68 4.30 -11.90
C LEU A 218 -12.25 3.83 -12.06
N ILE A 219 -11.84 2.88 -11.22
CA ILE A 219 -10.53 2.25 -11.31
C ILE A 219 -10.74 0.80 -11.71
N ALA A 220 -10.28 0.44 -12.91
CA ALA A 220 -10.54 -0.86 -13.50
C ALA A 220 -9.23 -1.63 -13.68
N HIS A 221 -9.31 -2.94 -13.50
CA HIS A 221 -8.19 -3.84 -13.71
C HIS A 221 -8.62 -4.95 -14.66
N LEU A 222 -7.79 -5.18 -15.70
CA LEU A 222 -8.03 -6.26 -16.66
C LEU A 222 -6.78 -7.14 -16.69
N PRO A 223 -6.68 -8.09 -15.75
CA PRO A 223 -5.46 -8.93 -15.70
C PRO A 223 -5.20 -9.69 -16.98
N ASP A 224 -6.23 -10.25 -17.61
CA ASP A 224 -6.02 -11.01 -18.84
C ASP A 224 -5.34 -10.17 -19.90
N ARG A 225 -5.67 -8.89 -19.98
CA ARG A 225 -5.09 -7.97 -20.96
C ARG A 225 -3.93 -7.17 -20.39
N ARG A 226 -3.58 -7.38 -19.12
CA ARG A 226 -2.45 -6.69 -18.50
C ARG A 226 -2.64 -5.17 -18.51
N GLU A 227 -3.88 -4.72 -18.36
CA GLU A 227 -4.23 -3.32 -18.47
C GLU A 227 -4.83 -2.81 -17.17
N ILE A 228 -4.42 -1.62 -16.76
CA ILE A 228 -5.04 -0.87 -15.67
C ILE A 228 -5.61 0.41 -16.25
N ILE A 229 -6.89 0.66 -16.01
CA ILE A 229 -7.58 1.81 -16.58
C ILE A 229 -8.27 2.56 -15.45
N SER A 230 -7.84 3.79 -15.19
CA SER A 230 -8.31 4.58 -14.07
C SER A 230 -8.77 5.94 -14.57
N PHE A 231 -9.94 6.38 -14.10
CA PHE A 231 -10.58 7.60 -14.59
C PHE A 231 -11.19 8.38 -13.44
N GLY A 232 -11.03 9.71 -13.48
CA GLY A 232 -11.77 10.61 -12.63
C GLY A 232 -11.07 11.09 -11.38
N SER A 233 -10.09 10.34 -10.88
CA SER A 233 -9.41 10.68 -9.64
C SER A 233 -7.93 10.94 -9.89
N GLY A 234 -7.40 11.94 -9.22
CA GLY A 234 -5.97 12.21 -9.25
C GLY A 234 -5.24 11.84 -7.98
N TYR A 235 -5.91 11.15 -7.06
CA TYR A 235 -5.38 10.94 -5.71
C TYR A 235 -4.74 9.57 -5.59
N GLY A 236 -3.56 9.54 -4.97
CA GLY A 236 -2.86 8.34 -4.56
C GLY A 236 -3.16 7.05 -5.30
N GLY A 237 -3.76 6.09 -4.59
CA GLY A 237 -3.96 4.77 -5.15
C GLY A 237 -4.75 4.76 -6.44
N ASN A 238 -5.57 5.79 -6.67
CA ASN A 238 -6.37 5.85 -7.88
C ASN A 238 -5.54 6.25 -9.09
N SER A 239 -4.48 7.04 -8.90
CA SER A 239 -3.72 7.62 -10.00
C SER A 239 -2.28 7.13 -10.10
N LEU A 240 -1.63 6.82 -8.98
CA LEU A 240 -0.31 6.20 -9.01
C LEU A 240 -0.54 4.71 -9.26
N LEU A 241 -0.65 4.34 -10.53
CA LEU A 241 -1.17 3.03 -10.88
C LEU A 241 -0.19 1.90 -10.60
N GLY A 242 1.08 2.21 -10.36
CA GLY A 242 2.03 1.16 -10.02
C GLY A 242 1.89 0.64 -8.60
N LYS A 243 1.31 1.43 -7.71
CA LYS A 243 1.25 1.08 -6.29
C LYS A 243 0.27 -0.04 -5.99
N LYS A 244 -1.02 0.29 -5.85
CA LYS A 244 -2.02 -0.73 -5.52
C LYS A 244 -2.47 -1.48 -6.78
N CYS A 245 -2.90 -0.76 -7.81
CA CYS A 245 -3.43 -1.40 -9.00
C CYS A 245 -2.42 -2.38 -9.59
N PHE A 246 -1.17 -1.94 -9.78
CA PHE A 246 -0.13 -2.78 -10.37
C PHE A 246 0.48 -3.71 -9.34
N ALA A 247 1.12 -3.15 -8.30
CA ALA A 247 1.96 -3.95 -7.42
C ALA A 247 1.19 -4.95 -6.59
N LEU A 248 -0.13 -4.79 -6.44
CA LEU A 248 -0.90 -5.70 -5.61
C LEU A 248 -1.97 -6.45 -6.41
N ARG A 249 -2.90 -5.75 -7.06
CA ARG A 249 -3.99 -6.42 -7.72
C ARG A 249 -3.52 -7.17 -8.96
N ILE A 250 -2.96 -6.47 -9.95
CA ILE A 250 -2.41 -7.14 -11.11
C ILE A 250 -1.32 -8.13 -10.69
N ALA A 251 -0.45 -7.69 -9.78
CA ALA A 251 0.72 -8.51 -9.41
C ALA A 251 0.30 -9.79 -8.69
N SER A 252 -0.69 -9.70 -7.81
CA SER A 252 -1.14 -10.90 -7.10
C SER A 252 -1.62 -11.97 -8.07
N ARG A 253 -2.27 -11.57 -9.15
CA ARG A 253 -2.70 -12.52 -10.18
C ARG A 253 -1.50 -13.12 -10.90
N LEU A 254 -0.55 -12.27 -11.29
CA LEU A 254 0.66 -12.77 -11.94
C LEU A 254 1.43 -13.71 -11.01
N ALA A 255 1.56 -13.33 -9.74
CA ALA A 255 2.26 -14.19 -8.78
C ALA A 255 1.60 -15.55 -8.68
N LYS A 256 0.26 -15.57 -8.62
CA LYS A 256 -0.45 -16.84 -8.63
C LYS A 256 -0.10 -17.67 -9.87
N GLU A 257 -0.01 -17.02 -11.02
CA GLU A 257 0.32 -17.74 -12.25
C GLU A 257 1.76 -18.22 -12.24
N GLU A 258 2.68 -17.41 -11.69
CA GLU A 258 4.11 -17.64 -11.84
C GLU A 258 4.76 -18.21 -10.59
N GLY A 259 4.01 -18.38 -9.50
CA GLY A 259 4.52 -19.08 -8.33
C GLY A 259 5.18 -18.21 -7.28
N TRP A 260 4.90 -16.92 -7.24
CA TRP A 260 5.42 -16.07 -6.17
C TRP A 260 4.28 -15.38 -5.44
N LEU A 261 4.58 -14.33 -4.69
CA LEU A 261 3.59 -13.66 -3.86
C LEU A 261 3.72 -12.16 -3.98
N ALA A 262 2.58 -11.47 -4.16
CA ALA A 262 2.50 -10.02 -4.12
C ALA A 262 1.61 -9.65 -2.95
N GLU A 263 2.19 -9.06 -1.91
CA GLU A 263 1.53 -8.95 -0.62
C GLU A 263 1.58 -7.53 -0.08
N HIS A 264 0.59 -7.20 0.76
CA HIS A 264 0.47 -5.90 1.41
C HIS A 264 1.28 -5.91 2.71
N MET A 265 2.60 -5.94 2.55
CA MET A 265 3.49 -6.17 3.68
C MET A 265 4.65 -5.20 3.65
N LEU A 266 4.99 -4.67 4.83
CA LEU A 266 6.27 -4.03 5.03
C LEU A 266 7.37 -5.09 5.10
N ILE A 267 8.59 -4.65 4.83
CA ILE A 267 9.77 -5.49 5.02
C ILE A 267 10.77 -4.71 5.86
N LEU A 268 11.24 -5.34 6.93
CA LEU A 268 12.25 -4.72 7.78
C LEU A 268 13.32 -5.75 8.13
N GLY A 269 14.55 -5.26 8.26
CA GLY A 269 15.64 -6.05 8.80
C GLY A 269 15.91 -5.62 10.22
N ILE A 270 16.14 -6.59 11.09
CA ILE A 270 16.39 -6.34 12.51
C ILE A 270 17.65 -7.07 12.92
N THR A 271 18.58 -6.34 13.54
CA THR A 271 19.84 -6.88 14.01
C THR A 271 19.86 -6.86 15.53
N ASN A 272 20.28 -7.97 16.14
CA ASN A 272 20.25 -8.04 17.60
C ASN A 272 21.61 -7.68 18.18
N PRO A 273 21.73 -7.63 19.51
CA PRO A 273 23.02 -7.26 20.13
C PRO A 273 24.14 -8.24 19.83
N GLU A 274 23.83 -9.46 19.40
CA GLU A 274 24.84 -10.46 19.08
C GLU A 274 25.28 -10.39 17.61
N GLY A 275 24.87 -9.36 16.88
CA GLY A 275 25.27 -9.21 15.50
C GLY A 275 24.51 -10.07 14.51
N LYS A 276 23.46 -10.76 14.95
CA LYS A 276 22.63 -11.55 14.05
C LYS A 276 21.50 -10.68 13.51
N LYS A 277 21.23 -10.82 12.21
CA LYS A 277 20.23 -10.01 11.53
C LYS A 277 19.24 -10.90 10.82
N LYS A 278 17.95 -10.60 10.99
CA LYS A 278 16.86 -11.32 10.34
C LYS A 278 15.93 -10.32 9.67
N TYR A 279 15.28 -10.77 8.60
CA TYR A 279 14.33 -9.95 7.87
C TYR A 279 12.91 -10.45 8.15
N LEU A 280 12.01 -9.51 8.46
CA LEU A 280 10.63 -9.82 8.76
C LEU A 280 9.71 -9.07 7.80
N ALA A 281 8.55 -9.66 7.52
CA ALA A 281 7.48 -9.01 6.78
C ALA A 281 6.24 -8.97 7.64
N ALA A 282 5.47 -7.89 7.50
CA ALA A 282 4.29 -7.67 8.33
C ALA A 282 3.16 -7.13 7.48
N ALA A 283 1.99 -7.77 7.58
CA ALA A 283 0.80 -7.36 6.86
C ALA A 283 -0.19 -6.76 7.86
N PHE A 284 -0.28 -5.44 7.88
CA PHE A 284 -1.30 -4.71 8.63
C PHE A 284 -2.20 -3.97 7.65
N PRO A 285 -3.49 -3.82 7.96
CA PRO A 285 -4.34 -2.95 7.15
C PRO A 285 -3.88 -1.50 7.24
N SER A 286 -4.42 -0.68 6.32
CA SER A 286 -4.06 0.73 6.30
C SER A 286 -4.34 1.38 7.65
N ALA A 287 -3.46 2.31 8.04
CA ALA A 287 -3.61 3.04 9.30
C ALA A 287 -3.48 2.14 10.51
N CYS A 288 -2.73 1.04 10.39
CA CYS A 288 -2.53 0.10 11.49
C CYS A 288 -1.07 -0.05 11.90
N GLY A 289 -0.15 0.71 11.31
CA GLY A 289 1.20 0.82 11.81
C GLY A 289 2.33 0.24 10.98
N LYS A 290 2.11 -0.08 9.70
CA LYS A 290 3.19 -0.64 8.89
C LYS A 290 4.36 0.32 8.79
N THR A 291 4.09 1.59 8.47
CA THR A 291 5.17 2.56 8.29
C THR A 291 5.89 2.83 9.61
N ASN A 292 5.15 2.87 10.72
CA ASN A 292 5.79 3.08 12.02
C ASN A 292 6.68 1.90 12.39
N LEU A 293 6.23 0.68 12.10
CA LEU A 293 7.04 -0.50 12.42
C LEU A 293 8.26 -0.59 11.51
N ALA A 294 8.08 -0.33 10.21
CA ALA A 294 9.18 -0.49 9.26
C ALA A 294 10.28 0.54 9.49
N MET A 295 9.95 1.70 10.07
CA MET A 295 10.93 2.74 10.38
C MET A 295 11.12 2.90 11.88
N MET A 296 10.77 1.90 12.67
N MET A 296 10.75 1.90 12.66
CA MET A 296 10.74 2.06 14.12
CA MET A 296 10.79 2.00 14.12
C MET A 296 12.13 2.38 14.66
C MET A 296 12.16 2.46 14.59
N ASN A 297 12.17 3.24 15.68
CA ASN A 297 13.38 3.54 16.42
C ASN A 297 13.33 2.68 17.69
N PRO A 298 14.01 1.54 17.72
CA PRO A 298 13.84 0.61 18.84
C PRO A 298 14.34 1.20 20.15
N THR A 299 13.62 0.91 21.23
CA THR A 299 13.98 1.38 22.55
C THR A 299 14.95 0.45 23.28
N LEU A 300 15.12 -0.77 22.78
CA LEU A 300 16.06 -1.70 23.40
C LEU A 300 17.48 -1.40 22.93
N PRO A 301 18.43 -1.24 23.85
CA PRO A 301 19.82 -0.98 23.43
C PRO A 301 20.41 -2.19 22.74
N GLY A 302 21.26 -1.91 21.74
CA GLY A 302 21.87 -2.97 20.97
C GLY A 302 21.01 -3.54 19.87
N TRP A 303 19.79 -3.04 19.68
CA TRP A 303 18.91 -3.49 18.61
C TRP A 303 18.84 -2.42 17.53
N LYS A 304 18.81 -2.87 16.28
CA LYS A 304 18.78 -1.98 15.12
C LYS A 304 17.71 -2.45 14.15
N VAL A 305 16.81 -1.53 13.79
CA VAL A 305 15.78 -1.78 12.79
C VAL A 305 16.14 -1.02 11.53
N GLU A 306 15.99 -1.68 10.38
CA GLU A 306 16.29 -1.09 9.08
C GLU A 306 15.12 -1.36 8.15
N CYS A 307 14.79 -0.36 7.33
CA CYS A 307 13.57 -0.39 6.52
C CYS A 307 13.92 -0.80 5.09
N VAL A 308 13.32 -1.90 4.63
CA VAL A 308 13.39 -2.28 3.22
C VAL A 308 12.19 -1.71 2.45
N GLY A 309 11.03 -1.69 3.09
CA GLY A 309 9.82 -1.16 2.49
C GLY A 309 8.73 -1.12 3.53
N ASP A 310 7.68 -0.34 3.23
CA ASP A 310 6.63 -0.08 4.21
C ASP A 310 5.23 -0.40 3.72
N ASP A 311 5.08 -1.07 2.57
CA ASP A 311 3.72 -1.25 2.05
C ASP A 311 3.55 -2.48 1.18
N ILE A 312 4.49 -2.77 0.29
CA ILE A 312 4.32 -3.82 -0.71
C ILE A 312 5.54 -4.71 -0.73
N ALA A 313 5.31 -6.03 -0.71
CA ALA A 313 6.37 -7.02 -0.79
C ALA A 313 6.08 -7.98 -1.93
N TRP A 314 7.07 -8.22 -2.77
CA TRP A 314 7.04 -9.27 -3.77
C TRP A 314 7.97 -10.38 -3.31
N MET A 315 7.44 -11.58 -3.12
CA MET A 315 8.18 -12.66 -2.50
C MET A 315 8.14 -13.91 -3.36
N LYS A 316 9.21 -14.69 -3.27
CA LYS A 316 9.36 -15.92 -4.05
C LYS A 316 10.43 -16.77 -3.40
N PHE A 317 10.18 -18.07 -3.33
CA PHE A 317 11.21 -19.00 -2.85
C PHE A 317 12.31 -19.13 -3.90
N ASP A 318 13.56 -19.04 -3.45
CA ASP A 318 14.69 -19.14 -4.36
C ASP A 318 15.10 -20.61 -4.48
N ALA A 319 16.22 -20.87 -5.17
CA ALA A 319 16.64 -22.25 -5.38
C ALA A 319 16.93 -22.96 -4.06
N GLN A 320 17.44 -22.23 -3.07
CA GLN A 320 17.83 -22.84 -1.79
C GLN A 320 16.66 -23.04 -0.84
N GLY A 321 15.45 -22.63 -1.22
CA GLY A 321 14.29 -22.79 -0.38
C GLY A 321 13.98 -21.62 0.53
N ASN A 322 14.73 -20.51 0.43
CA ASN A 322 14.47 -19.34 1.22
C ASN A 322 13.39 -18.48 0.56
N LEU A 323 12.53 -17.88 1.39
CA LEU A 323 11.54 -16.94 0.89
C LEU A 323 12.19 -15.57 0.76
N ARG A 324 12.41 -15.12 -0.47
CA ARG A 324 13.09 -13.86 -0.73
C ARG A 324 12.07 -12.80 -1.13
N ALA A 325 12.25 -11.60 -0.58
CA ALA A 325 11.32 -10.50 -0.77
C ALA A 325 12.07 -9.27 -1.26
N ILE A 326 11.41 -8.48 -2.10
CA ILE A 326 11.89 -7.17 -2.49
C ILE A 326 10.76 -6.17 -2.29
N ASN A 327 11.13 -4.92 -2.04
CA ASN A 327 10.18 -3.82 -2.07
C ASN A 327 10.11 -3.31 -3.50
N PRO A 328 9.01 -3.49 -4.22
CA PRO A 328 8.95 -3.03 -5.61
C PRO A 328 8.87 -1.53 -5.77
N GLU A 329 8.64 -0.79 -4.68
CA GLU A 329 8.47 0.65 -4.75
C GLU A 329 9.80 1.37 -4.62
N ASN A 330 9.76 2.67 -4.92
CA ASN A 330 10.94 3.51 -4.87
C ASN A 330 10.85 4.60 -3.81
N GLY A 331 9.72 4.72 -3.12
CA GLY A 331 9.58 5.72 -2.09
C GLY A 331 8.48 5.33 -1.11
N PHE A 332 8.14 6.26 -0.22
CA PHE A 332 7.11 6.04 0.79
C PHE A 332 5.97 7.01 0.57
N PHE A 333 4.75 6.49 0.58
CA PHE A 333 3.52 7.26 0.42
C PHE A 333 2.70 7.05 1.69
N GLY A 334 3.15 7.68 2.78
CA GLY A 334 2.59 7.44 4.09
C GLY A 334 1.63 8.52 4.56
N VAL A 335 0.77 8.13 5.50
CA VAL A 335 -0.17 9.06 6.10
C VAL A 335 0.60 10.05 6.96
N ALA A 336 0.28 11.33 6.83
CA ALA A 336 1.01 12.39 7.51
C ALA A 336 0.56 12.52 8.96
N PRO A 337 -0.72 12.79 9.21
CA PRO A 337 -1.17 12.98 10.60
C PRO A 337 -0.76 11.81 11.49
N GLY A 338 -0.41 12.14 12.73
CA GLY A 338 0.14 11.17 13.66
C GLY A 338 1.63 10.97 13.54
N THR A 339 2.26 11.45 12.47
CA THR A 339 3.70 11.37 12.32
C THR A 339 4.35 12.51 13.11
N SER A 340 5.08 12.16 14.18
CA SER A 340 5.76 13.14 15.01
C SER A 340 7.18 12.65 15.28
N VAL A 341 7.94 13.47 16.00
CA VAL A 341 9.32 13.10 16.33
C VAL A 341 9.34 11.96 17.35
N LYS A 342 8.31 11.87 18.20
CA LYS A 342 8.28 10.82 19.21
C LYS A 342 7.73 9.51 18.65
N THR A 343 6.82 9.58 17.67
CA THR A 343 6.25 8.36 17.10
C THR A 343 7.15 7.80 15.99
N ASN A 344 7.45 8.62 14.98
CA ASN A 344 8.23 8.19 13.81
C ASN A 344 9.30 9.23 13.50
N PRO A 345 10.32 9.36 14.34
CA PRO A 345 11.39 10.33 14.04
C PRO A 345 12.13 10.04 12.74
N ASN A 346 12.24 8.77 12.36
CA ASN A 346 12.90 8.44 11.10
C ASN A 346 12.10 8.93 9.90
N ALA A 347 10.77 8.96 10.00
CA ALA A 347 9.98 9.55 8.93
C ALA A 347 10.20 11.06 8.85
N ILE A 348 10.27 11.72 10.01
CA ILE A 348 10.49 13.17 10.03
C ILE A 348 11.79 13.51 9.31
N LYS A 349 12.86 12.76 9.60
CA LYS A 349 14.13 13.01 8.95
C LYS A 349 14.05 12.79 7.44
N THR A 350 13.15 11.92 6.99
CA THR A 350 13.08 11.58 5.57
C THR A 350 12.34 12.63 4.76
N ILE A 351 11.31 13.24 5.33
CA ILE A 351 10.36 14.05 4.57
C ILE A 351 10.75 15.52 4.54
N GLN A 352 11.96 15.83 5.00
CA GLN A 352 12.39 17.23 5.08
C GLN A 352 12.95 17.76 3.77
N LYS A 353 13.02 16.95 2.71
CA LYS A 353 13.50 17.42 1.42
C LYS A 353 13.00 16.51 0.31
N ASN A 354 12.89 17.08 -0.89
CA ASN A 354 12.52 16.33 -2.08
C ASN A 354 11.22 15.56 -1.87
N THR A 355 10.30 16.15 -1.12
CA THR A 355 9.08 15.47 -0.70
C THR A 355 7.87 16.29 -1.11
N ILE A 356 6.84 15.61 -1.60
CA ILE A 356 5.59 16.23 -2.02
C ILE A 356 4.53 15.90 -0.97
N PHE A 357 3.89 16.92 -0.42
CA PHE A 357 2.83 16.76 0.55
C PHE A 357 1.49 17.05 -0.11
N THR A 358 0.45 16.31 0.31
CA THR A 358 -0.89 16.47 -0.24
C THR A 358 -1.87 16.65 0.90
N ASN A 359 -2.51 17.82 0.95
CA ASN A 359 -3.62 18.10 1.85
C ASN A 359 -3.21 18.22 3.31
N VAL A 360 -1.94 18.51 3.59
CA VAL A 360 -1.53 18.85 4.94
C VAL A 360 -1.62 20.36 5.10
N ALA A 361 -1.58 20.84 6.33
CA ALA A 361 -1.62 22.28 6.57
C ALA A 361 -0.26 22.91 6.28
N GLU A 362 -0.28 24.18 5.94
CA GLU A 362 0.93 24.95 5.70
C GLU A 362 1.08 26.01 6.78
N THR A 363 2.29 26.14 7.31
CA THR A 363 2.58 27.19 8.28
C THR A 363 3.02 28.45 7.56
N SER A 364 2.83 29.59 8.23
CA SER A 364 3.13 30.88 7.60
C SER A 364 4.59 31.02 7.21
N ASP A 365 5.50 30.27 7.84
CA ASP A 365 6.91 30.34 7.50
C ASP A 365 7.33 29.29 6.48
N GLY A 366 6.38 28.71 5.75
CA GLY A 366 6.69 27.76 4.71
C GLY A 366 6.87 26.32 5.15
N GLY A 367 6.28 25.93 6.28
CA GLY A 367 6.38 24.58 6.77
C GLY A 367 5.08 23.81 6.62
N VAL A 368 5.10 22.58 7.15
CA VAL A 368 3.95 21.70 7.12
C VAL A 368 3.42 21.54 8.53
N TYR A 369 2.14 21.23 8.64
CA TYR A 369 1.52 20.97 9.93
C TYR A 369 0.38 19.98 9.75
N TRP A 370 0.14 19.17 10.78
CA TRP A 370 -0.95 18.21 10.78
C TRP A 370 -1.24 17.79 12.21
N GLU A 371 -2.37 17.12 12.39
CA GLU A 371 -2.74 16.62 13.70
C GLU A 371 -1.73 15.57 14.16
N GLY A 372 -1.30 15.68 15.40
CA GLY A 372 -0.37 14.73 15.98
C GLY A 372 1.10 15.01 15.73
N ILE A 373 1.44 16.09 15.02
CA ILE A 373 2.84 16.40 14.74
C ILE A 373 3.60 16.67 16.03
N ASP A 374 2.89 16.99 17.12
CA ASP A 374 3.48 17.06 18.45
C ASP A 374 4.64 18.05 18.51
N GLU A 375 4.58 19.11 17.71
CA GLU A 375 5.67 20.08 17.62
C GLU A 375 5.10 21.48 17.79
N PRO A 376 5.50 22.23 18.81
CA PRO A 376 5.00 23.60 18.95
C PRO A 376 5.49 24.51 17.84
N LEU A 377 4.67 25.49 17.51
CA LEU A 377 5.01 26.49 16.51
C LEU A 377 5.57 27.75 17.19
N ALA A 378 6.42 28.46 16.47
CA ALA A 378 7.02 29.68 16.99
C ALA A 378 5.95 30.76 17.14
N PRO A 379 6.17 31.73 18.01
CA PRO A 379 5.25 32.87 18.10
C PRO A 379 5.06 33.53 16.75
N GLY A 380 3.82 33.90 16.44
CA GLY A 380 3.49 34.55 15.20
C GLY A 380 3.25 33.64 14.03
N VAL A 381 3.66 32.37 14.11
CA VAL A 381 3.42 31.44 13.00
C VAL A 381 1.94 31.12 12.93
N THR A 382 1.37 31.29 11.73
CA THR A 382 -0.02 30.98 11.47
C THR A 382 -0.12 29.72 10.63
N ILE A 383 -1.32 29.15 10.57
CA ILE A 383 -1.55 27.88 9.92
C ILE A 383 -2.67 28.03 8.89
N THR A 384 -2.44 27.52 7.69
CA THR A 384 -3.45 27.44 6.65
C THR A 384 -3.86 25.98 6.49
N SER A 385 -5.15 25.71 6.61
CA SER A 385 -5.63 24.34 6.53
C SER A 385 -5.47 23.79 5.11
N TRP A 386 -5.72 22.49 4.97
CA TRP A 386 -5.70 21.87 3.65
C TRP A 386 -6.82 22.40 2.77
N LYS A 387 -7.86 22.99 3.37
CA LYS A 387 -8.92 23.65 2.64
C LYS A 387 -8.53 25.05 2.18
N ASN A 388 -7.25 25.42 2.31
CA ASN A 388 -6.77 26.72 1.87
C ASN A 388 -7.49 27.86 2.60
N LYS A 389 -7.57 27.74 3.93
CA LYS A 389 -8.24 28.71 4.77
C LYS A 389 -7.46 28.91 6.06
N GLU A 390 -7.60 30.09 6.65
CA GLU A 390 -6.97 30.37 7.94
C GLU A 390 -7.53 29.42 8.99
N TRP A 391 -6.63 28.76 9.72
CA TRP A 391 -7.01 27.70 10.65
C TRP A 391 -6.48 28.01 12.04
N ARG A 392 -7.35 27.90 13.04
CA ARG A 392 -6.97 28.01 14.43
C ARG A 392 -7.28 26.71 15.16
N PRO A 393 -6.48 26.35 16.17
CA PRO A 393 -6.77 25.12 16.93
C PRO A 393 -8.12 25.12 17.63
N GLN A 394 -8.81 26.27 17.70
CA GLN A 394 -10.11 26.34 18.36
C GLN A 394 -11.23 25.78 17.50
N ASP A 395 -11.07 25.79 16.17
CA ASP A 395 -12.08 25.22 15.30
C ASP A 395 -12.10 23.70 15.42
N GLU A 396 -13.24 23.12 15.04
CA GLU A 396 -13.35 21.66 14.99
C GLU A 396 -12.74 21.08 13.72
N GLU A 397 -12.62 21.88 12.67
CA GLU A 397 -12.02 21.42 11.43
C GLU A 397 -10.55 21.08 11.64
N PRO A 398 -10.13 19.85 11.35
CA PRO A 398 -8.69 19.55 11.36
C PRO A 398 -7.99 20.32 10.25
N CYS A 399 -6.78 20.81 10.57
CA CYS A 399 -6.02 21.58 9.59
C CYS A 399 -5.46 20.72 8.47
N ALA A 400 -5.26 19.43 8.70
CA ALA A 400 -4.81 18.50 7.68
C ALA A 400 -5.84 17.38 7.52
N HIS A 401 -6.09 16.99 6.28
CA HIS A 401 -7.05 15.92 6.04
C HIS A 401 -6.55 14.63 6.65
N PRO A 402 -7.43 13.82 7.24
CA PRO A 402 -6.98 12.57 7.88
C PRO A 402 -6.22 11.65 6.94
N ASN A 403 -6.51 11.69 5.64
CA ASN A 403 -5.79 10.88 4.66
C ASN A 403 -4.67 11.65 3.98
N SER A 404 -4.32 12.84 4.49
CA SER A 404 -3.22 13.60 3.91
C SER A 404 -1.96 12.74 3.89
N ARG A 405 -1.03 13.11 3.00
CA ARG A 405 0.09 12.23 2.67
C ARG A 405 1.37 13.02 2.49
N PHE A 406 2.49 12.35 2.75
CA PHE A 406 3.78 12.73 2.21
C PHE A 406 4.22 11.69 1.18
N CYS A 407 4.90 12.16 0.14
CA CYS A 407 5.46 11.30 -0.90
C CYS A 407 6.96 11.55 -0.95
N THR A 408 7.73 10.64 -0.38
CA THR A 408 9.14 10.88 -0.14
C THR A 408 10.00 9.78 -0.75
N PRO A 409 11.20 10.11 -1.22
CA PRO A 409 12.10 9.09 -1.78
C PRO A 409 12.62 8.15 -0.69
N ALA A 410 12.53 6.85 -0.95
CA ALA A 410 12.98 5.87 0.03
C ALA A 410 14.47 6.03 0.33
N SER A 411 15.26 6.42 -0.66
CA SER A 411 16.70 6.52 -0.48
C SER A 411 17.07 7.50 0.62
N GLN A 412 16.19 8.44 0.96
CA GLN A 412 16.48 9.44 1.98
C GLN A 412 16.22 8.95 3.40
N CYS A 413 15.60 7.80 3.57
CA CYS A 413 15.35 7.27 4.91
C CYS A 413 16.69 6.96 5.58
N PRO A 414 16.95 7.53 6.76
CA PRO A 414 18.25 7.30 7.41
C PRO A 414 18.50 5.85 7.79
N ILE A 415 17.46 5.05 7.93
CA ILE A 415 17.60 3.64 8.29
C ILE A 415 17.21 2.72 7.14
N ILE A 416 17.24 3.23 5.90
CA ILE A 416 16.95 2.38 4.75
C ILE A 416 17.93 1.24 4.71
N ASP A 417 17.43 0.03 4.51
CA ASP A 417 18.28 -1.15 4.58
C ASP A 417 19.32 -1.11 3.46
N PRO A 418 20.56 -1.47 3.75
CA PRO A 418 21.60 -1.50 2.70
C PRO A 418 21.29 -2.47 1.56
N ALA A 419 20.26 -3.30 1.70
CA ALA A 419 19.88 -4.25 0.65
C ALA A 419 18.48 -3.96 0.12
N TRP A 420 17.94 -2.76 0.39
CA TRP A 420 16.58 -2.45 -0.04
C TRP A 420 16.44 -2.42 -1.56
N GLU A 421 17.55 -2.29 -2.29
CA GLU A 421 17.54 -2.31 -3.75
C GLU A 421 18.23 -3.54 -4.32
N SER A 422 18.63 -4.48 -3.48
CA SER A 422 19.28 -5.70 -3.96
C SER A 422 18.33 -6.48 -4.85
N PRO A 423 18.71 -6.78 -6.10
CA PRO A 423 17.80 -7.54 -6.98
C PRO A 423 17.51 -8.95 -6.50
N GLU A 424 18.35 -9.51 -5.62
CA GLU A 424 18.11 -10.86 -5.11
C GLU A 424 17.11 -10.90 -3.97
N GLY A 425 16.71 -9.75 -3.45
CA GLY A 425 15.77 -9.71 -2.34
C GLY A 425 16.42 -10.10 -1.03
N VAL A 426 15.62 -10.02 0.03
CA VAL A 426 16.09 -10.33 1.38
C VAL A 426 15.35 -11.58 1.89
N PRO A 427 16.03 -12.48 2.59
CA PRO A 427 15.36 -13.70 3.07
C PRO A 427 14.43 -13.39 4.23
N ILE A 428 13.16 -13.78 4.08
CA ILE A 428 12.15 -13.57 5.10
C ILE A 428 12.13 -14.78 6.03
N GLU A 429 12.36 -14.54 7.32
CA GLU A 429 12.31 -15.61 8.32
C GLU A 429 11.08 -15.53 9.20
N GLY A 430 10.27 -14.48 9.09
CA GLY A 430 9.06 -14.37 9.88
C GLY A 430 8.04 -13.48 9.18
N ILE A 431 6.78 -13.84 9.34
CA ILE A 431 5.66 -13.08 8.78
C ILE A 431 4.74 -12.69 9.93
N ILE A 432 4.33 -11.43 9.95
CA ILE A 432 3.51 -10.88 11.03
C ILE A 432 2.18 -10.43 10.46
N PHE A 433 1.09 -10.85 11.08
CA PHE A 433 -0.24 -10.33 10.82
C PHE A 433 -0.73 -9.54 12.02
N GLY A 434 -1.60 -8.57 11.78
CA GLY A 434 -2.11 -7.76 12.87
C GLY A 434 -3.06 -6.69 12.38
N GLY A 435 -3.82 -6.16 13.32
CA GLY A 435 -4.73 -5.06 13.04
C GLY A 435 -5.17 -4.43 14.34
N ARG A 436 -6.14 -3.52 14.22
CA ARG A 436 -6.69 -2.84 15.40
C ARG A 436 -7.79 -3.69 15.99
N ARG A 437 -7.46 -4.40 17.08
CA ARG A 437 -8.46 -5.12 17.87
C ARG A 437 -8.51 -4.51 19.26
N PRO A 438 -9.57 -3.77 19.62
CA PRO A 438 -9.62 -3.14 20.94
C PRO A 438 -9.81 -4.12 22.09
N ALA A 439 -10.16 -5.38 21.81
CA ALA A 439 -10.46 -6.32 22.87
C ALA A 439 -10.14 -7.74 22.42
N GLY A 440 -9.88 -8.60 23.40
CA GLY A 440 -9.82 -10.02 23.17
C GLY A 440 -8.51 -10.59 22.64
N VAL A 441 -7.87 -9.88 21.73
CA VAL A 441 -6.71 -10.40 21.01
C VAL A 441 -5.44 -9.98 21.78
N PRO A 442 -4.60 -10.92 22.18
CA PRO A 442 -3.43 -10.57 23.00
C PRO A 442 -2.35 -9.87 22.18
N LEU A 443 -1.32 -9.41 22.90
CA LEU A 443 -0.28 -8.59 22.29
C LEU A 443 0.41 -9.32 21.13
N VAL A 444 0.71 -10.60 21.32
CA VAL A 444 1.41 -11.37 20.30
C VAL A 444 1.19 -12.85 20.58
N TYR A 445 0.97 -13.61 19.51
CA TYR A 445 1.02 -15.06 19.57
C TYR A 445 1.62 -15.59 18.28
N GLU A 446 2.05 -16.85 18.33
CA GLU A 446 2.73 -17.51 17.22
C GLU A 446 1.88 -18.66 16.72
N ALA A 447 1.83 -18.82 15.40
CA ALA A 447 1.00 -19.87 14.82
C ALA A 447 1.58 -21.24 15.13
N LEU A 448 0.70 -22.24 15.19
CA LEU A 448 1.10 -23.60 15.50
C LEU A 448 1.75 -24.31 14.33
N SER A 449 1.50 -23.86 13.11
CA SER A 449 2.01 -24.52 11.91
C SER A 449 1.78 -23.57 10.74
N TRP A 450 2.25 -23.98 9.56
CA TRP A 450 2.01 -23.18 8.36
C TRP A 450 0.52 -23.07 8.07
N GLN A 451 -0.19 -24.19 8.12
CA GLN A 451 -1.63 -24.16 7.83
C GLN A 451 -2.37 -23.29 8.83
N HIS A 452 -2.03 -23.37 10.12
CA HIS A 452 -2.66 -22.48 11.10
C HIS A 452 -2.26 -21.03 10.84
N GLY A 453 -1.01 -20.80 10.43
CA GLY A 453 -0.60 -19.45 10.09
C GLY A 453 -1.42 -18.87 8.96
N VAL A 454 -1.64 -19.66 7.90
CA VAL A 454 -2.49 -19.20 6.80
C VAL A 454 -3.89 -18.89 7.32
N PHE A 455 -4.41 -19.71 8.23
CA PHE A 455 -5.71 -19.45 8.83
C PHE A 455 -5.70 -18.16 9.64
N VAL A 456 -4.60 -17.89 10.34
CA VAL A 456 -4.51 -16.66 11.12
C VAL A 456 -4.62 -15.44 10.20
N GLY A 457 -3.91 -15.48 9.07
CA GLY A 457 -4.02 -14.38 8.12
C GLY A 457 -5.42 -14.26 7.54
N ALA A 458 -6.05 -15.41 7.25
CA ALA A 458 -7.39 -15.37 6.69
C ALA A 458 -8.41 -14.84 7.68
N ALA A 459 -8.18 -15.03 8.97
CA ALA A 459 -9.12 -14.62 10.01
C ALA A 459 -8.90 -13.19 10.49
N MET A 460 -7.94 -12.47 9.91
CA MET A 460 -7.61 -11.12 10.37
C MET A 460 -8.85 -10.23 10.38
N ARG A 461 -9.00 -9.47 11.46
CA ARG A 461 -10.04 -8.47 11.56
C ARG A 461 -9.44 -7.22 12.21
N SER A 462 -10.08 -6.08 11.97
CA SER A 462 -9.54 -4.81 12.42
C SER A 462 -10.66 -3.78 12.43
N GLU A 463 -10.54 -2.80 13.32
CA GLU A 463 -11.56 -1.77 13.45
C GLU A 463 -11.44 -0.75 12.31
N ALA A 464 -12.58 -0.17 11.95
CA ALA A 464 -12.61 0.79 10.86
C ALA A 464 -11.71 1.98 11.15
N THR A 465 -10.81 2.27 10.22
CA THR A 465 -9.87 3.37 10.32
C THR A 465 -10.27 4.46 9.32
N ALA A 466 -9.29 5.17 8.76
CA ALA A 466 -9.52 6.24 7.81
C ALA A 466 -8.64 6.03 6.58
N ALA A 467 -8.83 4.87 5.93
CA ALA A 467 -8.08 4.53 4.73
C ALA A 467 -8.96 4.64 3.50
N ALA A 468 -9.99 3.80 3.39
CA ALA A 468 -10.94 3.89 2.29
C ALA A 468 -12.08 4.83 2.67
N GLU A 469 -13.31 4.50 2.24
CA GLU A 469 -14.49 5.29 2.58
C GLU A 469 -15.29 4.67 3.72
N HIS A 470 -14.62 3.93 4.61
CA HIS A 470 -15.28 3.32 5.76
C HIS A 470 -15.22 4.24 6.96
N LYS A 471 -16.32 4.31 7.70
CA LYS A 471 -16.40 5.17 8.87
C LYS A 471 -16.93 4.41 10.07
N GLY A 472 -17.20 5.11 11.17
CA GLY A 472 -17.76 4.51 12.36
C GLY A 472 -16.76 3.60 13.07
N LYS A 473 -17.21 3.06 14.20
CA LYS A 473 -16.42 2.14 15.02
C LYS A 473 -16.97 0.74 14.79
N VAL A 474 -16.39 0.05 13.81
CA VAL A 474 -16.81 -1.29 13.43
C VAL A 474 -15.57 -2.16 13.22
N ILE A 475 -15.70 -3.44 13.52
CA ILE A 475 -14.64 -4.42 13.31
C ILE A 475 -14.99 -5.22 12.06
N MET A 476 -14.13 -5.14 11.05
CA MET A 476 -14.38 -5.78 9.77
C MET A 476 -13.27 -6.77 9.43
N HIS A 477 -13.53 -7.63 8.46
CA HIS A 477 -12.55 -8.62 8.03
C HIS A 477 -11.62 -8.02 6.98
N ASP A 478 -10.34 -8.36 7.08
CA ASP A 478 -9.32 -7.91 6.13
C ASP A 478 -8.23 -8.97 6.07
N PRO A 479 -8.56 -10.15 5.55
CA PRO A 479 -7.58 -11.25 5.57
C PRO A 479 -6.30 -10.87 4.85
N PHE A 480 -5.17 -11.16 5.50
CA PHE A 480 -3.84 -10.84 4.97
C PHE A 480 -3.68 -9.35 4.70
N ALA A 481 -4.57 -8.52 5.24
CA ALA A 481 -4.57 -7.09 4.96
C ALA A 481 -4.74 -6.81 3.47
N MET A 482 -5.39 -7.73 2.77
CA MET A 482 -5.49 -7.68 1.32
C MET A 482 -6.91 -7.49 0.81
N ARG A 483 -7.89 -7.32 1.70
CA ARG A 483 -9.28 -7.24 1.27
C ARG A 483 -9.50 -6.27 0.13
N PRO A 484 -8.91 -5.06 0.11
CA PRO A 484 -9.12 -4.15 -1.01
C PRO A 484 -8.27 -4.46 -2.23
N PHE A 485 -7.37 -5.45 -2.16
CA PHE A 485 -6.32 -5.59 -3.15
C PHE A 485 -6.24 -6.96 -3.82
N PHE A 486 -7.12 -7.90 -3.48
CA PHE A 486 -7.04 -9.21 -4.12
C PHE A 486 -7.20 -9.09 -5.63
N GLY A 487 -6.23 -9.65 -6.35
CA GLY A 487 -6.32 -9.68 -7.80
C GLY A 487 -7.15 -10.81 -8.36
N TYR A 488 -7.53 -11.79 -7.55
CA TYR A 488 -8.25 -12.95 -8.03
C TYR A 488 -8.97 -13.60 -6.85
N ASN A 489 -9.59 -14.75 -7.14
CA ASN A 489 -10.38 -15.47 -6.14
C ASN A 489 -9.60 -15.66 -4.85
N PHE A 490 -10.19 -15.19 -3.74
CA PHE A 490 -9.52 -15.29 -2.45
C PHE A 490 -9.33 -16.74 -2.03
N GLY A 491 -10.32 -17.59 -2.31
CA GLY A 491 -10.16 -19.01 -2.03
C GLY A 491 -8.95 -19.60 -2.72
N LYS A 492 -8.78 -19.28 -4.01
CA LYS A 492 -7.58 -19.71 -4.71
C LYS A 492 -6.33 -19.05 -4.13
N TYR A 493 -6.48 -17.86 -3.56
CA TYR A 493 -5.36 -17.20 -2.88
C TYR A 493 -4.93 -18.00 -1.65
N LEU A 494 -5.90 -18.51 -0.89
CA LEU A 494 -5.57 -19.34 0.27
C LEU A 494 -4.86 -20.62 -0.14
N ALA A 495 -5.41 -21.33 -1.14
CA ALA A 495 -4.77 -22.54 -1.64
C ALA A 495 -3.36 -22.26 -2.15
N HIS A 496 -3.15 -21.10 -2.78
CA HIS A 496 -1.81 -20.72 -3.22
C HIS A 496 -0.86 -20.61 -2.03
N TRP A 497 -1.31 -19.93 -0.96
CA TRP A 497 -0.49 -19.82 0.24
C TRP A 497 -0.24 -21.19 0.85
N LEU A 498 -1.28 -22.03 0.94
CA LEU A 498 -1.13 -23.36 1.52
C LEU A 498 -0.16 -24.21 0.70
N SER A 499 -0.12 -24.01 -0.61
CA SER A 499 0.72 -24.85 -1.46
C SER A 499 2.21 -24.63 -1.20
N MET A 500 2.59 -23.50 -0.60
N MET A 500 2.59 -23.49 -0.63
CA MET A 500 4.00 -23.26 -0.34
CA MET A 500 3.99 -23.24 -0.30
C MET A 500 4.59 -24.31 0.60
C MET A 500 4.57 -24.33 0.58
N ALA A 501 3.75 -24.92 1.45
CA ALA A 501 4.23 -25.97 2.33
C ALA A 501 4.59 -27.24 1.56
N HIS A 502 4.14 -27.36 0.32
CA HIS A 502 4.47 -28.51 -0.52
C HIS A 502 5.75 -28.31 -1.32
N ARG A 503 6.35 -27.12 -1.27
CA ARG A 503 7.58 -26.88 -2.00
C ARG A 503 8.73 -27.68 -1.40
N PRO A 504 9.55 -28.33 -2.22
CA PRO A 504 10.69 -29.07 -1.68
C PRO A 504 11.74 -28.14 -1.09
N ALA A 505 12.24 -28.51 0.09
CA ALA A 505 13.28 -27.76 0.78
C ALA A 505 12.85 -26.33 1.11
N ALA A 506 11.56 -26.06 1.11
CA ALA A 506 11.08 -24.72 1.41
C ALA A 506 11.28 -24.41 2.90
N LYS A 507 11.93 -23.29 3.17
CA LYS A 507 12.15 -22.83 4.55
C LYS A 507 11.02 -21.88 4.90
N LEU A 508 9.94 -22.42 5.41
CA LEU A 508 8.76 -21.62 5.71
C LEU A 508 9.04 -20.69 6.88
N PRO A 509 8.77 -19.40 6.77
CA PRO A 509 8.96 -18.50 7.91
C PRO A 509 7.92 -18.76 9.00
N LYS A 510 8.30 -18.40 10.22
CA LYS A 510 7.34 -18.40 11.31
C LYS A 510 6.29 -17.33 11.09
N ILE A 511 5.08 -17.58 11.60
CA ILE A 511 3.96 -16.68 11.42
C ILE A 511 3.48 -16.22 12.80
N PHE A 512 3.47 -14.90 13.00
CA PHE A 512 3.01 -14.31 14.25
C PHE A 512 1.79 -13.44 13.98
N HIS A 513 1.03 -13.20 15.04
CA HIS A 513 -0.06 -12.23 15.01
C HIS A 513 0.11 -11.29 16.19
N VAL A 514 0.12 -9.99 15.91
CA VAL A 514 0.33 -8.97 16.93
C VAL A 514 -0.90 -8.09 17.02
N ASN A 515 -1.03 -7.42 18.16
CA ASN A 515 -2.12 -6.46 18.40
C ASN A 515 -1.54 -5.34 19.25
N TRP A 516 -1.18 -4.22 18.61
CA TRP A 516 -0.70 -3.06 19.34
C TRP A 516 -1.83 -2.29 20.02
N PHE A 517 -3.09 -2.64 19.77
CA PHE A 517 -4.20 -1.72 20.00
C PHE A 517 -5.24 -2.27 20.99
N ARG A 518 -4.89 -3.26 21.80
CA ARG A 518 -5.82 -3.71 22.83
C ARG A 518 -6.03 -2.60 23.86
N LYS A 519 -7.27 -2.45 24.31
CA LYS A 519 -7.63 -1.41 25.25
C LYS A 519 -8.24 -2.01 26.50
N ASP A 520 -8.12 -1.30 27.62
CA ASP A 520 -8.71 -1.74 28.87
C ASP A 520 -10.16 -1.26 28.97
N LYS A 521 -10.77 -1.50 30.13
CA LYS A 521 -12.17 -1.11 30.31
C LYS A 521 -12.37 0.40 30.20
N ASN A 522 -11.31 1.18 30.36
CA ASN A 522 -11.40 2.64 30.28
C ASN A 522 -11.09 3.17 28.88
N GLY A 523 -10.95 2.29 27.89
CA GLY A 523 -10.61 2.73 26.56
C GLY A 523 -9.18 3.21 26.39
N LYS A 524 -8.29 2.82 27.30
CA LYS A 524 -6.90 3.23 27.26
C LYS A 524 -6.04 2.09 26.72
N PHE A 525 -5.09 2.44 25.85
CA PHE A 525 -4.20 1.45 25.28
C PHE A 525 -3.41 0.74 26.39
N LEU A 526 -3.43 -0.59 26.36
CA LEU A 526 -2.67 -1.37 27.32
C LEU A 526 -1.19 -1.43 26.98
N TRP A 527 -0.82 -1.20 25.72
CA TRP A 527 0.54 -1.31 25.25
C TRP A 527 1.02 0.03 24.71
N PRO A 528 2.18 0.54 25.14
CA PRO A 528 2.62 1.84 24.63
C PRO A 528 2.95 1.83 23.15
N GLY A 529 3.44 0.71 22.62
CA GLY A 529 3.66 0.62 21.19
C GLY A 529 4.82 1.48 20.69
N PHE A 530 4.80 1.71 19.38
CA PHE A 530 5.82 2.51 18.68
C PHE A 530 7.17 1.84 18.92
N GLY A 531 8.20 2.58 19.35
CA GLY A 531 9.51 1.99 19.55
C GLY A 531 9.52 0.84 20.54
N GLU A 532 8.56 0.80 21.46
CA GLU A 532 8.50 -0.28 22.44
C GLU A 532 8.18 -1.63 21.79
N ASN A 533 7.63 -1.61 20.57
CA ASN A 533 7.37 -2.86 19.86
C ASN A 533 8.63 -3.65 19.59
N SER A 534 9.81 -3.04 19.76
CA SER A 534 11.06 -3.80 19.63
C SER A 534 11.12 -4.93 20.64
N ARG A 535 10.43 -4.79 21.77
CA ARG A 535 10.36 -5.87 22.76
C ARG A 535 9.60 -7.06 22.22
N VAL A 536 8.56 -6.83 21.41
CA VAL A 536 7.84 -7.93 20.78
C VAL A 536 8.67 -8.55 19.68
N LEU A 537 9.34 -7.73 18.87
CA LEU A 537 10.22 -8.25 17.84
C LEU A 537 11.33 -9.11 18.45
N GLU A 538 11.85 -8.70 19.61
CA GLU A 538 12.88 -9.50 20.26
C GLU A 538 12.38 -10.92 20.54
N TRP A 539 11.15 -11.04 21.03
CA TRP A 539 10.60 -12.37 21.28
C TRP A 539 10.47 -13.17 20.00
N MET A 540 9.95 -12.55 18.93
CA MET A 540 9.89 -13.25 17.65
C MET A 540 11.28 -13.67 17.20
N PHE A 541 12.26 -12.78 17.34
CA PHE A 541 13.64 -13.10 16.95
C PHE A 541 14.12 -14.35 17.65
N GLY A 542 13.93 -14.41 18.97
CA GLY A 542 14.34 -15.60 19.71
C GLY A 542 13.56 -16.83 19.31
N ARG A 543 12.26 -16.67 19.05
CA ARG A 543 11.44 -17.81 18.64
C ARG A 543 11.89 -18.37 17.29
N ILE A 544 12.40 -17.51 16.41
CA ILE A 544 12.91 -17.98 15.13
C ILE A 544 14.20 -18.76 15.34
N GLU A 545 15.04 -18.33 16.28
CA GLU A 545 16.26 -19.06 16.61
C GLU A 545 15.98 -20.35 17.36
N GLY A 546 14.74 -20.58 17.79
CA GLY A 546 14.40 -21.79 18.50
C GLY A 546 14.41 -21.70 20.00
N GLU A 547 14.35 -20.51 20.57
CA GLU A 547 14.39 -20.37 22.03
C GLU A 547 13.10 -20.89 22.65
N ASP A 548 13.24 -21.63 23.76
CA ASP A 548 12.11 -22.21 24.47
C ASP A 548 11.45 -21.16 25.35
N SER A 549 10.89 -20.15 24.68
CA SER A 549 10.27 -19.00 25.34
C SER A 549 8.77 -18.92 25.11
N ALA A 550 8.15 -19.97 24.61
CA ALA A 550 6.75 -19.93 24.23
C ALA A 550 5.92 -20.86 25.12
N LYS A 551 4.69 -20.44 25.40
CA LYS A 551 3.71 -21.25 26.10
C LYS A 551 2.55 -21.55 25.16
N LEU A 552 2.03 -22.77 25.23
CA LEU A 552 0.95 -23.18 24.35
C LEU A 552 -0.39 -22.72 24.89
N THR A 553 -1.18 -22.09 24.05
CA THR A 553 -2.55 -21.69 24.34
C THR A 553 -3.46 -22.17 23.22
N PRO A 554 -4.78 -22.08 23.41
CA PRO A 554 -5.70 -22.54 22.37
C PRO A 554 -5.58 -21.78 21.05
N ILE A 555 -5.09 -20.54 21.07
CA ILE A 555 -4.98 -19.73 19.85
C ILE A 555 -3.59 -19.77 19.24
N GLY A 556 -2.64 -20.43 19.89
CA GLY A 556 -1.27 -20.50 19.44
C GLY A 556 -0.31 -20.32 20.60
N TYR A 557 0.96 -20.17 20.27
CA TYR A 557 1.99 -19.97 21.29
C TYR A 557 2.05 -18.51 21.71
N VAL A 558 2.11 -18.27 23.01
CA VAL A 558 2.30 -16.94 23.56
C VAL A 558 3.59 -16.94 24.37
N PRO A 559 4.14 -15.77 24.66
CA PRO A 559 5.39 -15.72 25.44
C PRO A 559 5.18 -16.27 26.85
N LYS A 560 6.19 -16.98 27.34
CA LYS A 560 6.18 -17.41 28.73
C LYS A 560 6.23 -16.20 29.65
N GLU A 561 5.88 -16.43 30.92
CA GLU A 561 6.07 -15.40 31.92
C GLU A 561 7.53 -14.96 31.95
N ASP A 562 7.75 -13.65 32.00
CA ASP A 562 9.08 -13.05 32.03
C ASP A 562 9.86 -13.29 30.75
N ALA A 563 9.24 -13.88 29.72
CA ALA A 563 9.91 -14.05 28.44
C ALA A 563 9.99 -12.74 27.66
N LEU A 564 9.04 -11.84 27.88
CA LEU A 564 9.09 -10.51 27.27
C LEU A 564 9.95 -9.58 28.11
N ASN A 565 10.89 -8.90 27.46
CA ASN A 565 11.66 -7.85 28.13
C ASN A 565 10.72 -6.69 28.43
N LEU A 566 10.32 -6.56 29.70
CA LEU A 566 9.42 -5.50 30.12
C LEU A 566 10.10 -4.48 31.03
N LYS A 567 11.42 -4.58 31.21
CA LYS A 567 12.12 -3.62 32.05
C LYS A 567 11.97 -2.22 31.46
N GLY A 568 12.02 -1.22 32.34
CA GLY A 568 11.71 0.14 31.95
C GLY A 568 10.24 0.45 31.83
N LEU A 569 9.40 -0.58 31.74
CA LEU A 569 7.95 -0.40 31.81
C LEU A 569 7.45 -0.84 33.18
N GLY A 570 7.23 -2.14 33.36
CA GLY A 570 6.76 -2.67 34.64
C GLY A 570 5.34 -2.31 35.01
N ASP A 571 4.94 -1.07 34.78
CA ASP A 571 3.58 -0.61 35.03
C ASP A 571 2.57 -1.13 34.02
N VAL A 572 2.97 -2.05 33.15
CA VAL A 572 2.09 -2.58 32.12
C VAL A 572 1.25 -3.70 32.71
N ASN A 573 -0.07 -3.62 32.51
CA ASN A 573 -0.97 -4.67 32.94
C ASN A 573 -0.79 -5.91 32.06
N VAL A 574 0.06 -6.83 32.48
CA VAL A 574 0.36 -8.01 31.67
C VAL A 574 -0.83 -8.97 31.64
N GLU A 575 -1.57 -9.07 32.73
CA GLU A 575 -2.71 -9.98 32.78
C GLU A 575 -3.71 -9.66 31.68
N GLU A 576 -4.23 -8.44 31.67
CA GLU A 576 -5.23 -8.06 30.68
C GLU A 576 -4.64 -7.98 29.27
N LEU A 577 -3.32 -7.84 29.15
CA LEU A 577 -2.71 -7.70 27.83
C LEU A 577 -2.57 -9.03 27.11
N PHE A 578 -2.41 -10.13 27.86
CA PHE A 578 -2.31 -11.46 27.29
C PHE A 578 -3.48 -12.35 27.68
N GLY A 579 -4.50 -11.78 28.33
CA GLY A 579 -5.65 -12.58 28.70
C GLY A 579 -6.31 -13.21 27.48
N ILE A 580 -6.66 -14.48 27.61
CA ILE A 580 -7.38 -15.22 26.58
C ILE A 580 -8.70 -15.68 27.17
N SER A 581 -9.79 -15.07 26.74
CA SER A 581 -11.12 -15.34 27.28
C SER A 581 -11.85 -16.32 26.39
N LYS A 582 -12.32 -17.42 26.99
CA LYS A 582 -13.12 -18.38 26.25
C LYS A 582 -14.35 -17.71 25.65
N GLU A 583 -15.02 -16.86 26.44
CA GLU A 583 -16.24 -16.21 25.98
C GLU A 583 -15.98 -15.35 24.74
N PHE A 584 -14.87 -14.61 24.73
CA PHE A 584 -14.55 -13.79 23.58
C PHE A 584 -14.24 -14.65 22.35
N TRP A 585 -13.44 -15.70 22.54
CA TRP A 585 -12.97 -16.47 21.40
C TRP A 585 -14.02 -17.41 20.85
N GLU A 586 -14.94 -17.88 21.70
CA GLU A 586 -16.12 -18.57 21.18
C GLU A 586 -16.86 -17.70 20.18
N LYS A 587 -17.03 -16.42 20.50
CA LYS A 587 -17.67 -15.49 19.58
C LYS A 587 -16.80 -15.25 18.36
N GLU A 588 -15.48 -15.17 18.54
CA GLU A 588 -14.60 -14.87 17.42
C GLU A 588 -14.64 -15.98 16.38
N VAL A 589 -14.55 -17.24 16.82
CA VAL A 589 -14.58 -18.35 15.87
C VAL A 589 -15.87 -18.34 15.07
N GLU A 590 -17.00 -18.02 15.73
CA GLU A 590 -18.28 -18.04 15.05
C GLU A 590 -18.33 -17.00 13.93
N GLU A 591 -17.84 -15.78 14.20
CA GLU A 591 -17.81 -14.76 13.17
C GLU A 591 -16.88 -15.16 12.02
N ILE A 592 -15.71 -15.73 12.34
CA ILE A 592 -14.82 -16.22 11.30
C ILE A 592 -15.51 -17.33 10.51
N ASP A 593 -16.19 -18.23 11.22
CA ASP A 593 -16.90 -19.31 10.56
C ASP A 593 -17.95 -18.77 9.59
N LYS A 594 -18.85 -17.92 10.09
CA LYS A 594 -19.88 -17.35 9.22
C LYS A 594 -19.26 -16.59 8.06
N TYR A 595 -18.18 -15.86 8.31
CA TYR A 595 -17.53 -15.08 7.25
C TYR A 595 -16.92 -15.99 6.19
N LEU A 596 -16.06 -16.92 6.61
CA LEU A 596 -15.42 -17.81 5.65
C LEU A 596 -16.46 -18.63 4.89
N GLU A 597 -17.52 -19.07 5.57
CA GLU A 597 -18.54 -19.88 4.89
C GLU A 597 -19.25 -19.09 3.81
N ASP A 598 -19.63 -17.84 4.12
CA ASP A 598 -20.37 -17.04 3.16
C ASP A 598 -19.46 -16.48 2.07
N GLN A 599 -18.32 -15.91 2.47
CA GLN A 599 -17.49 -15.15 1.55
C GLN A 599 -16.60 -16.04 0.68
N VAL A 600 -16.14 -17.17 1.20
CA VAL A 600 -15.30 -18.07 0.44
C VAL A 600 -16.07 -19.31 -0.04
N ASN A 601 -17.09 -19.75 0.69
CA ASN A 601 -18.04 -20.76 0.20
C ASN A 601 -17.36 -21.98 -0.38
N ALA A 602 -17.60 -22.25 -1.66
CA ALA A 602 -17.12 -23.47 -2.30
C ALA A 602 -15.62 -23.45 -2.55
N ASP A 603 -14.97 -22.30 -2.49
CA ASP A 603 -13.54 -22.19 -2.77
C ASP A 603 -12.68 -22.16 -1.52
N LEU A 604 -13.25 -22.47 -0.37
CA LEU A 604 -12.49 -22.52 0.88
C LEU A 604 -11.70 -23.82 0.93
N PRO A 605 -10.36 -23.78 1.01
CA PRO A 605 -9.60 -25.02 1.11
C PRO A 605 -9.95 -25.78 2.39
N TYR A 606 -9.95 -27.11 2.29
CA TYR A 606 -10.31 -27.93 3.44
C TYR A 606 -9.37 -27.68 4.62
N GLU A 607 -8.07 -27.54 4.36
CA GLU A 607 -7.12 -27.31 5.45
C GLU A 607 -7.46 -26.05 6.24
N ILE A 608 -8.00 -25.03 5.56
CA ILE A 608 -8.44 -23.84 6.28
C ILE A 608 -9.67 -24.17 7.13
N GLU A 609 -10.62 -24.93 6.56
CA GLU A 609 -11.78 -25.36 7.33
C GLU A 609 -11.37 -26.25 8.51
N ARG A 610 -10.33 -27.06 8.32
CA ARG A 610 -9.84 -27.90 9.41
C ARG A 610 -9.25 -27.07 10.54
N GLU A 611 -8.48 -26.04 10.22
CA GLU A 611 -7.95 -25.16 11.26
C GLU A 611 -9.07 -24.48 12.04
N LEU A 612 -10.09 -23.99 11.33
CA LEU A 612 -11.26 -23.43 12.01
C LEU A 612 -11.89 -24.44 12.94
N ARG A 613 -12.08 -25.67 12.48
CA ARG A 613 -12.62 -26.71 13.34
C ARG A 613 -11.68 -27.00 14.51
N ALA A 614 -10.37 -27.00 14.27
CA ALA A 614 -9.42 -27.29 15.34
C ALA A 614 -9.40 -26.17 16.37
N LEU A 615 -9.43 -24.91 15.91
CA LEU A 615 -9.48 -23.79 16.86
C LEU A 615 -10.77 -23.84 17.68
N LYS A 616 -11.90 -24.11 17.02
CA LYS A 616 -13.16 -24.23 17.74
C LYS A 616 -13.08 -25.31 18.82
N GLN A 617 -12.40 -26.41 18.52
CA GLN A 617 -12.31 -27.50 19.49
C GLN A 617 -11.45 -27.10 20.68
N ARG A 618 -10.27 -26.52 20.42
CA ARG A 618 -9.38 -26.14 21.52
C ARG A 618 -10.04 -25.13 22.44
N ILE A 619 -10.81 -24.20 21.87
CA ILE A 619 -11.51 -23.21 22.69
C ILE A 619 -12.58 -23.88 23.55
N SER A 620 -13.36 -24.77 22.95
CA SER A 620 -14.41 -25.47 23.69
C SER A 620 -13.86 -26.25 24.87
N GLN A 621 -12.58 -26.63 24.83
CA GLN A 621 -11.96 -27.34 25.94
C GLN A 621 -11.41 -26.42 27.00
N MET A 622 -11.58 -25.10 26.86
CA MET A 622 -11.14 -24.16 27.87
C MET A 622 -12.04 -24.22 29.10
MN MN B . -1.01 0.12 1.89
MN MN C . 1.92 3.60 5.49
MN MN D . -1.47 -29.25 2.74
P PGA E . -0.71 1.95 3.86
P PGA E . -2.41 3.30 1.72
P PGA E . -3.46 3.57 1.20
O1P PGA E . -1.28 2.10 2.36
O1P PGA E . -3.02 4.25 0.56
O1P PGA E . -3.67 4.90 0.33
O2P PGA E . -1.87 1.59 4.75
O2P PGA E . -2.00 4.16 2.89
O2P PGA E . -1.99 3.32 1.41
O3P PGA E . -0.10 3.25 4.33
O3P PGA E . -1.22 2.56 1.17
O3P PGA E . -4.09 2.40 0.49
O4P PGA E . 0.33 0.85 3.92
O4P PGA E . -3.47 2.32 2.14
O4P PGA E . -4.14 3.75 2.54
C2 PGA E . -2.09 3.22 2.05
C2 PGA E . -2.31 4.56 -0.61
C2 PGA E . -4.52 4.91 -0.80
C1 PGA E . -3.39 2.73 1.45
C1 PGA E . -3.32 4.96 -1.66
C1 PGA E . -4.66 6.33 -1.30
O1 PGA E . -3.63 1.50 1.39
O1 PGA E . -3.69 6.16 -1.80
O1 PGA E . -5.51 7.09 -0.81
O2 PGA E . -4.25 3.53 1.03
O2 PGA E . -3.81 4.10 -2.42
O2 PGA E . -3.92 6.73 -2.22
H21 PGA E . -1.57 3.85 1.33
H21 PGA E . -1.74 3.69 -0.94
H21 PGA E . -5.50 4.51 -0.52
H22 PGA E . -2.29 3.80 2.95
H22 PGA E . -1.62 5.37 -0.43
H22 PGA E . -4.12 4.27 -1.58
PB GDP F . 0.30 2.22 7.94
O1B GDP F . 0.00 0.75 8.02
O2B GDP F . -0.69 2.86 6.99
O3B GDP F . 1.71 2.45 7.45
O3A GDP F . 0.12 2.86 9.40
PA GDP F . 1.00 4.09 9.93
O1A GDP F . 2.43 3.71 10.24
O2A GDP F . 0.95 5.25 8.96
O5' GDP F . 0.19 4.46 11.29
C5' GDP F . -1.10 5.04 11.20
C4' GDP F . -1.52 5.50 12.59
O4' GDP F . -1.36 4.42 13.51
C3' GDP F . -0.63 6.64 13.05
O3' GDP F . -1.42 7.79 13.34
C2' GDP F . 0.05 6.14 14.31
O2' GDP F . -0.04 7.10 15.37
C1' GDP F . -0.70 4.87 14.69
N9 GDP F . 0.25 3.86 15.19
C8 GDP F . 1.29 3.34 14.50
N7 GDP F . 1.97 2.44 15.25
C5 GDP F . 1.37 2.38 16.45
C6 GDP F . 1.57 1.63 17.71
O6 GDP F . 2.51 0.81 17.84
N1 GDP F . 0.72 1.86 18.72
C2 GDP F . -0.29 2.73 18.63
N2 GDP F . -1.11 2.90 19.71
N3 GDP F . -0.54 3.45 17.50
C4 GDP F . 0.24 3.32 16.41
#